data_3DNT
#
_entry.id   3DNT
#
_cell.length_a   68.540
_cell.length_b   84.090
_cell.length_c   69.250
_cell.angle_alpha   90.00
_cell.angle_beta   91.56
_cell.angle_gamma   90.00
#
_symmetry.space_group_name_H-M   'P 1 21 1'
#
loop_
_entity.id
_entity.type
_entity.pdbx_description
1 polymer 'Protein hipA'
2 non-polymer "ADENOSINE-5'-TRIPHOSPHATE"
3 non-polymer 'MAGNESIUM ION'
4 non-polymer 'SULFATE ION'
5 water water
#
_entity_poly.entity_id   1
_entity_poly.type   'polypeptide(L)'
_entity_poly.pdbx_seq_one_letter_code
;(MSE)PKLVTW(MSE)NNQRVGELTKLANGAHTFKYAPEWLASRYARPLSLSLPLQRGNITSDAVFNFFDNLLPDSPIVR
DRIVKRYHAKSRQPFDLLSEIGRDSVGAVTLIPEDETVTHPI(MSE)AWEKLTEARLEEVLTAYKADIPLG(MSE)IREE
NDFRISVAGAQEKTALLRIGNDWCIPKGITPTTHIIKLPIGEIRQPNATLDLSQSVDNEYYCLLLAKELGLNVPDAEIIK
AGNVRALAVERFDRRWNAERTVLLRLPQED(MSE)CQTFGLPSSVKYESDGGPGIARI(MSE)AFL(MSE)GSSEALKDR
YDF(MSE)KFQVFQWLIGATQGHAKNFSVFIQAGGSYRLTPFYDIISAFPVLGGTGIHISDLKLA(MSE)GLNASKGKKT
AIDKIYPRHFLATAKVLRFPEVQ(MSE)HEILSDFAR(MSE)IPAALDNVKTSLPTDFPENVVTAVESNVLRLHGRLSRE
YGSK
;
_entity_poly.pdbx_strand_id   A,B
#
# COMPACT_ATOMS: atom_id res chain seq x y z
N PRO A 2 -2.17 5.05 14.06
CA PRO A 2 -2.83 5.79 15.16
C PRO A 2 -4.35 5.61 15.22
N LYS A 3 -5.08 6.70 15.02
CA LYS A 3 -6.52 6.66 15.11
C LYS A 3 -7.29 7.46 14.07
N LEU A 4 -8.40 6.91 13.62
CA LEU A 4 -9.25 7.61 12.66
C LEU A 4 -10.54 7.95 13.37
N VAL A 5 -10.82 9.24 13.52
CA VAL A 5 -12.06 9.67 14.17
C VAL A 5 -13.19 9.46 13.16
N THR A 6 -14.29 8.88 13.62
CA THR A 6 -15.43 8.56 12.76
C THR A 6 -16.59 9.51 12.98
N TRP A 7 -16.98 10.19 11.89
CA TRP A 7 -18.06 11.16 11.94
C TRP A 7 -19.22 10.76 11.04
N ASN A 9 -21.77 12.99 9.28
CA ASN A 9 -22.08 14.36 9.03
C ASN A 9 -21.36 15.19 10.10
N ASN A 10 -22.05 16.06 10.82
CA ASN A 10 -21.32 16.87 11.80
C ASN A 10 -21.21 16.26 13.19
N GLN A 11 -21.54 14.99 13.34
CA GLN A 11 -21.52 14.34 14.64
C GLN A 11 -20.44 13.29 14.81
N ARG A 12 -19.75 13.34 15.95
CA ARG A 12 -18.71 12.35 16.22
C ARG A 12 -19.39 11.05 16.65
N VAL A 13 -19.05 9.96 15.98
CA VAL A 13 -19.64 8.66 16.25
C VAL A 13 -18.73 7.80 17.10
N GLY A 14 -17.42 7.87 16.86
CA GLY A 14 -16.49 7.07 17.63
C GLY A 14 -15.14 7.10 16.98
N GLU A 15 -14.30 6.09 17.22
CA GLU A 15 -12.96 6.05 16.63
C GLU A 15 -12.56 4.64 16.21
N LEU A 16 -11.87 4.55 15.07
CA LEU A 16 -11.38 3.28 14.55
C LEU A 16 -9.88 3.29 14.82
N THR A 17 -9.39 2.23 15.44
CA THR A 17 -7.98 2.17 15.74
C THR A 17 -7.42 0.82 15.32
N LYS A 18 -6.13 0.80 15.06
CA LYS A 18 -5.45 -0.42 14.66
C LYS A 18 -4.43 -0.67 15.76
N LEU A 19 -4.60 -1.77 16.50
CA LEU A 19 -3.70 -2.07 17.61
C LEU A 19 -2.30 -2.51 17.17
N ALA A 20 -1.37 -2.58 18.13
CA ALA A 20 -0.02 -2.99 17.82
C ALA A 20 -0.02 -4.42 17.26
N ASN A 21 -1.11 -5.15 17.49
CA ASN A 21 -1.22 -6.51 16.99
C ASN A 21 -1.91 -6.57 15.62
N GLY A 22 -2.19 -5.40 15.05
CA GLY A 22 -2.81 -5.34 13.74
C GLY A 22 -4.32 -5.52 13.74
N ALA A 23 -4.91 -5.74 14.91
CA ALA A 23 -6.36 -5.92 14.98
C ALA A 23 -7.06 -4.57 14.86
N HIS A 24 -8.15 -4.55 14.11
CA HIS A 24 -8.93 -3.35 13.92
C HIS A 24 -10.01 -3.31 15.01
N THR A 25 -10.08 -2.23 15.78
CA THR A 25 -11.10 -2.14 16.83
C THR A 25 -11.84 -0.83 16.67
N PHE A 26 -13.06 -0.77 17.18
CA PHE A 26 -13.87 0.43 17.07
C PHE A 26 -14.54 0.70 18.40
N LYS A 27 -14.62 1.98 18.75
CA LYS A 27 -15.29 2.34 19.99
C LYS A 27 -16.24 3.52 19.77
N TYR A 28 -17.48 3.35 20.19
CA TYR A 28 -18.44 4.44 20.05
C TYR A 28 -18.16 5.48 21.10
N ALA A 29 -18.31 6.73 20.73
CA ALA A 29 -18.12 7.85 21.67
C ALA A 29 -19.33 7.90 22.63
N PRO A 30 -19.10 8.11 23.95
CA PRO A 30 -20.26 8.15 24.84
C PRO A 30 -21.29 9.19 24.43
N GLU A 31 -20.83 10.30 23.87
CA GLU A 31 -21.70 11.38 23.42
C GLU A 31 -22.63 10.88 22.33
N TRP A 32 -22.12 9.99 21.48
CA TRP A 32 -22.95 9.44 20.41
C TRP A 32 -23.98 8.50 21.01
N LEU A 33 -23.53 7.65 21.92
CA LEU A 33 -24.41 6.69 22.56
C LEU A 33 -25.55 7.37 23.32
N ALA A 34 -25.31 8.60 23.75
CA ALA A 34 -26.32 9.32 24.50
C ALA A 34 -27.21 10.19 23.62
N SER A 35 -26.86 10.36 22.35
CA SER A 35 -27.67 11.19 21.48
C SER A 35 -29.07 10.58 21.33
N ARG A 36 -30.07 11.46 21.25
CA ARG A 36 -31.46 11.06 21.15
C ARG A 36 -31.77 9.99 20.10
N TYR A 37 -31.29 10.20 18.88
CA TYR A 37 -31.56 9.25 17.80
C TYR A 37 -30.35 8.41 17.40
N ALA A 38 -29.49 8.07 18.35
CA ALA A 38 -28.31 7.28 18.05
C ALA A 38 -28.60 6.04 17.21
N ARG A 39 -27.67 5.70 16.33
CA ARG A 39 -27.82 4.53 15.51
C ARG A 39 -26.44 3.92 15.33
N PRO A 40 -26.38 2.61 15.10
CA PRO A 40 -25.08 1.94 14.93
C PRO A 40 -24.48 2.26 13.56
N LEU A 41 -23.17 2.07 13.47
CA LEU A 41 -22.43 2.24 12.24
C LEU A 41 -22.87 1.17 11.26
N SER A 42 -23.19 0.01 11.81
CA SER A 42 -23.61 -1.17 11.04
C SER A 42 -24.49 -1.99 11.95
N LEU A 43 -25.45 -2.72 11.39
CA LEU A 43 -26.27 -3.59 12.22
C LEU A 43 -25.37 -4.75 12.74
N SER A 44 -24.16 -4.90 12.17
CA SER A 44 -23.21 -5.93 12.63
C SER A 44 -22.35 -5.38 13.79
N LEU A 45 -22.52 -4.09 14.07
CA LEU A 45 -21.78 -3.41 15.14
C LEU A 45 -22.79 -2.64 16.01
N PRO A 46 -23.64 -3.38 16.74
CA PRO A 46 -24.63 -2.69 17.57
C PRO A 46 -24.06 -1.72 18.57
N LEU A 47 -24.82 -0.67 18.87
CA LEU A 47 -24.37 0.33 19.85
C LEU A 47 -24.04 -0.38 21.16
N GLN A 48 -22.88 -0.04 21.74
CA GLN A 48 -22.42 -0.62 22.99
C GLN A 48 -21.28 0.27 23.47
N ARG A 49 -20.93 0.18 24.75
CA ARG A 49 -19.82 0.98 25.27
C ARG A 49 -18.53 0.14 25.16
N GLY A 50 -17.39 0.82 25.09
CA GLY A 50 -16.13 0.09 25.02
C GLY A 50 -15.65 -0.38 23.66
N ASN A 51 -14.43 -0.91 23.63
CA ASN A 51 -13.85 -1.38 22.38
C ASN A 51 -14.51 -2.61 21.81
N ILE A 52 -14.82 -2.58 20.52
CA ILE A 52 -15.41 -3.71 19.83
C ILE A 52 -14.25 -4.30 19.03
N THR A 53 -13.99 -5.58 19.24
CA THR A 53 -12.86 -6.23 18.59
C THR A 53 -13.19 -7.37 17.64
N SER A 54 -14.48 -7.64 17.44
CA SER A 54 -14.88 -8.73 16.54
C SER A 54 -14.41 -8.53 15.10
N ASP A 55 -14.41 -9.62 14.32
CA ASP A 55 -14.01 -9.54 12.92
C ASP A 55 -14.95 -8.59 12.16
N ALA A 56 -16.15 -8.39 12.69
CA ALA A 56 -17.12 -7.48 12.06
C ALA A 56 -16.53 -6.09 11.87
N VAL A 57 -15.62 -5.66 12.75
CA VAL A 57 -15.04 -4.32 12.59
C VAL A 57 -14.17 -4.26 11.34
N PHE A 58 -13.20 -5.15 11.23
CA PHE A 58 -12.34 -5.16 10.05
C PHE A 58 -13.19 -5.30 8.77
N ASN A 59 -14.13 -6.23 8.77
CA ASN A 59 -14.94 -6.47 7.59
C ASN A 59 -15.81 -5.27 7.20
N PHE A 60 -16.36 -4.59 8.20
CA PHE A 60 -17.20 -3.44 7.87
C PHE A 60 -16.42 -2.37 7.11
N PHE A 61 -15.28 -2.01 7.67
CA PHE A 61 -14.44 -1.00 7.04
C PHE A 61 -13.80 -1.45 5.74
N ASP A 62 -13.42 -2.74 5.63
CA ASP A 62 -12.85 -3.24 4.40
C ASP A 62 -13.86 -3.12 3.27
N ASN A 63 -15.14 -3.33 3.60
CA ASN A 63 -16.22 -3.26 2.64
C ASN A 63 -16.48 -1.85 2.12
N LEU A 64 -15.83 -0.85 2.70
CA LEU A 64 -15.96 0.53 2.20
C LEU A 64 -14.96 0.82 1.08
N LEU A 65 -13.97 -0.06 0.92
CA LEU A 65 -12.92 0.11 -0.10
C LEU A 65 -13.23 -0.62 -1.40
N PRO A 66 -12.58 -0.22 -2.51
CA PRO A 66 -12.77 -0.86 -3.82
C PRO A 66 -12.48 -2.35 -3.61
N ASP A 67 -13.24 -3.20 -4.28
CA ASP A 67 -13.06 -4.64 -4.10
C ASP A 67 -11.72 -5.14 -4.67
N SER A 68 -11.36 -4.62 -5.82
CA SER A 68 -10.17 -5.08 -6.53
C SER A 68 -8.82 -4.89 -5.86
N PRO A 69 -8.04 -5.97 -5.74
CA PRO A 69 -6.72 -5.88 -5.12
C PRO A 69 -5.84 -4.98 -5.99
N ILE A 70 -6.14 -4.92 -7.30
CA ILE A 70 -5.36 -4.08 -8.20
C ILE A 70 -5.64 -2.60 -7.94
N VAL A 71 -6.91 -2.25 -7.75
CA VAL A 71 -7.23 -0.86 -7.46
C VAL A 71 -6.56 -0.48 -6.14
N ARG A 72 -6.57 -1.39 -5.16
CA ARG A 72 -5.92 -1.09 -3.90
C ARG A 72 -4.43 -0.86 -4.09
N ASP A 73 -3.80 -1.59 -5.01
CA ASP A 73 -2.37 -1.37 -5.25
C ASP A 73 -2.14 0.11 -5.66
N ARG A 74 -3.03 0.61 -6.52
CA ARG A 74 -2.95 2.00 -6.98
C ARG A 74 -3.05 3.01 -5.85
N ILE A 75 -3.96 2.77 -4.93
CA ILE A 75 -4.15 3.70 -3.81
C ILE A 75 -2.88 3.77 -2.98
N VAL A 76 -2.32 2.61 -2.66
CA VAL A 76 -1.11 2.53 -1.87
C VAL A 76 -0.02 3.35 -2.54
N LYS A 77 0.14 3.15 -3.85
CA LYS A 77 1.16 3.85 -4.62
C LYS A 77 0.87 5.35 -4.73
N ARG A 78 -0.40 5.71 -4.78
CA ARG A 78 -0.78 7.11 -4.91
C ARG A 78 -0.53 7.92 -3.64
N TYR A 79 -0.90 7.39 -2.48
CA TYR A 79 -0.70 8.12 -1.23
C TYR A 79 0.41 7.55 -0.36
N HIS A 80 1.18 6.63 -0.90
CA HIS A 80 2.27 6.04 -0.13
C HIS A 80 1.72 5.53 1.21
N ALA A 81 0.57 4.88 1.16
CA ALA A 81 -0.06 4.35 2.36
C ALA A 81 0.89 3.47 3.17
N LYS A 82 0.73 3.47 4.48
CA LYS A 82 1.57 2.66 5.36
C LYS A 82 1.52 1.18 4.98
N SER A 83 0.32 0.71 4.62
CA SER A 83 0.14 -0.69 4.23
C SER A 83 -1.08 -0.82 3.33
N ARG A 84 -1.52 -2.05 3.12
CA ARG A 84 -2.68 -2.31 2.29
C ARG A 84 -3.92 -2.57 3.14
N GLN A 85 -3.77 -2.60 4.45
CA GLN A 85 -4.92 -2.84 5.33
C GLN A 85 -5.94 -1.71 5.20
N PRO A 86 -7.21 -1.99 5.53
CA PRO A 86 -8.24 -0.96 5.43
C PRO A 86 -7.92 0.32 6.21
N PHE A 87 -7.47 0.17 7.45
CA PHE A 87 -7.14 1.35 8.25
C PHE A 87 -6.20 2.27 7.49
N ASP A 88 -5.14 1.71 6.93
CA ASP A 88 -4.18 2.53 6.20
C ASP A 88 -4.68 3.10 4.87
N LEU A 89 -5.51 2.36 4.14
CA LEU A 89 -6.04 2.91 2.91
C LEU A 89 -7.12 3.96 3.24
N LEU A 90 -7.93 3.70 4.28
CA LEU A 90 -8.98 4.65 4.64
C LEU A 90 -8.41 5.93 5.29
N SER A 91 -7.21 5.82 5.87
CA SER A 91 -6.55 6.98 6.46
C SER A 91 -6.33 7.97 5.34
N GLU A 92 -6.16 7.45 4.13
CA GLU A 92 -5.93 8.29 2.95
C GLU A 92 -7.18 8.69 2.17
N ILE A 93 -8.11 7.76 1.92
CA ILE A 93 -9.26 8.08 1.11
C ILE A 93 -10.63 7.95 1.78
N GLY A 94 -10.64 7.78 3.09
CA GLY A 94 -11.91 7.60 3.79
C GLY A 94 -12.75 8.81 4.15
N ARG A 95 -12.50 9.96 3.54
CA ARG A 95 -13.31 11.13 3.89
C ARG A 95 -14.73 11.04 3.35
N ASP A 96 -14.84 10.43 2.18
CA ASP A 96 -16.13 10.30 1.50
C ASP A 96 -16.26 8.86 0.99
N SER A 97 -17.23 8.12 1.50
CA SER A 97 -17.42 6.74 1.04
C SER A 97 -18.91 6.46 0.98
N VAL A 98 -19.27 5.22 0.66
CA VAL A 98 -20.68 4.87 0.57
C VAL A 98 -21.28 4.99 1.97
N GLY A 99 -22.42 5.66 2.08
CA GLY A 99 -23.04 5.83 3.37
C GLY A 99 -22.61 7.14 3.99
N ALA A 100 -22.61 7.20 5.31
CA ALA A 100 -22.28 8.43 6.01
C ALA A 100 -21.07 8.35 6.91
N VAL A 101 -20.17 7.41 6.65
CA VAL A 101 -18.99 7.28 7.49
C VAL A 101 -17.89 8.19 6.94
N THR A 102 -17.45 9.15 7.75
CA THR A 102 -16.36 10.04 7.35
C THR A 102 -15.24 9.77 8.34
N LEU A 103 -14.11 9.36 7.80
CA LEU A 103 -12.95 8.98 8.59
C LEU A 103 -11.84 10.00 8.44
N ILE A 104 -11.42 10.61 9.54
CA ILE A 104 -10.31 11.56 9.46
C ILE A 104 -9.36 11.44 10.64
N PRO A 105 -8.06 11.48 10.34
CA PRO A 105 -7.02 11.36 11.37
C PRO A 105 -6.87 12.63 12.21
N ILE A 114 -17.30 22.58 5.82
CA ILE A 114 -18.44 21.73 5.58
C ILE A 114 -18.79 21.65 4.09
N ALA A 116 -17.04 23.01 0.53
CA ALA A 116 -15.98 23.64 -0.26
C ALA A 116 -15.71 22.73 -1.45
N TRP A 117 -15.34 23.32 -2.59
CA TRP A 117 -15.11 22.51 -3.78
C TRP A 117 -14.35 23.28 -4.86
N GLU A 118 -13.95 22.56 -5.89
CA GLU A 118 -13.27 23.19 -7.03
C GLU A 118 -14.11 22.81 -8.23
N LYS A 119 -14.56 23.81 -8.99
CA LYS A 119 -15.36 23.56 -10.19
C LYS A 119 -14.44 22.96 -11.26
N LEU A 120 -14.96 22.06 -12.09
CA LEU A 120 -14.16 21.45 -13.13
C LEU A 120 -14.53 21.90 -14.55
N THR A 121 -13.51 22.18 -15.35
CA THR A 121 -13.69 22.59 -16.74
C THR A 121 -13.73 21.30 -17.53
N GLU A 122 -14.32 21.34 -18.72
CA GLU A 122 -14.39 20.13 -19.54
C GLU A 122 -13.05 19.44 -19.61
N ALA A 123 -12.00 20.22 -19.82
CA ALA A 123 -10.65 19.68 -19.91
C ALA A 123 -10.26 18.94 -18.64
N ARG A 124 -10.53 19.56 -17.49
CA ARG A 124 -10.19 18.95 -16.22
C ARG A 124 -11.08 17.76 -15.91
N LEU A 125 -12.35 17.83 -16.31
CA LEU A 125 -13.27 16.73 -16.09
C LEU A 125 -12.75 15.47 -16.80
N GLU A 126 -12.30 15.62 -18.05
CA GLU A 126 -11.79 14.49 -18.81
C GLU A 126 -10.54 13.90 -18.17
N GLU A 127 -9.76 14.77 -17.53
CA GLU A 127 -8.54 14.33 -16.88
C GLU A 127 -8.85 13.36 -15.75
N VAL A 128 -9.83 13.72 -14.91
CA VAL A 128 -10.23 12.85 -13.80
C VAL A 128 -10.82 11.54 -14.30
N LEU A 129 -11.69 11.64 -15.30
CA LEU A 129 -12.36 10.47 -15.86
C LEU A 129 -11.46 9.51 -16.64
N THR A 130 -10.20 9.89 -16.89
CA THR A 130 -9.29 9.01 -17.60
C THR A 130 -8.00 8.75 -16.83
N ALA A 131 -7.95 9.24 -15.59
CA ALA A 131 -6.78 9.07 -14.74
C ALA A 131 -6.43 7.62 -14.47
N TYR A 132 -7.39 6.71 -14.64
CA TYR A 132 -7.15 5.30 -14.40
C TYR A 132 -6.12 4.74 -15.38
N LYS A 133 -6.04 5.35 -16.56
CA LYS A 133 -5.09 4.91 -17.58
C LYS A 133 -3.66 5.08 -17.07
N ALA A 134 -3.47 5.99 -16.11
CA ALA A 134 -2.16 6.23 -15.54
C ALA A 134 -2.05 5.63 -14.14
N ASP A 135 -2.82 4.58 -13.90
CA ASP A 135 -2.80 3.90 -12.59
C ASP A 135 -3.30 4.79 -11.47
N ILE A 136 -4.23 5.69 -11.78
CA ILE A 136 -4.77 6.55 -10.75
C ILE A 136 -6.03 5.88 -10.20
N PRO A 137 -6.13 5.79 -8.88
CA PRO A 137 -7.30 5.16 -8.24
C PRO A 137 -8.47 6.12 -8.09
N LEU A 138 -9.66 5.65 -8.43
CA LEU A 138 -10.87 6.45 -8.29
C LEU A 138 -10.75 7.89 -8.77
N GLY A 139 -10.04 8.10 -9.88
CA GLY A 139 -9.88 9.43 -10.45
C GLY A 139 -9.22 10.46 -9.57
N ILE A 141 -6.42 12.18 -9.15
CA ILE A 141 -5.18 12.65 -9.77
C ILE A 141 -4.17 13.13 -8.73
N ARG A 142 -2.89 12.80 -8.94
CA ARG A 142 -1.84 13.22 -8.01
C ARG A 142 -1.76 14.74 -7.89
N GLU A 143 -2.31 15.42 -8.91
CA GLU A 143 -2.33 16.88 -8.93
C GLU A 143 -3.08 17.43 -7.71
N GLU A 144 -4.17 16.77 -7.35
CA GLU A 144 -4.98 17.19 -6.21
C GLU A 144 -4.41 16.59 -4.94
N ASN A 145 -4.83 17.11 -3.79
CA ASN A 145 -4.35 16.59 -2.52
C ASN A 145 -5.47 16.58 -1.49
N ASP A 146 -6.61 17.15 -1.85
CA ASP A 146 -7.75 17.23 -0.96
C ASP A 146 -8.96 16.54 -1.58
N PHE A 147 -8.68 15.56 -2.45
CA PHE A 147 -9.72 14.80 -3.11
C PHE A 147 -9.59 13.36 -2.62
N ARG A 148 -10.21 13.08 -1.48
CA ARG A 148 -10.16 11.76 -0.85
C ARG A 148 -11.53 11.07 -0.78
N ILE A 149 -11.76 10.15 -1.72
CA ILE A 149 -13.01 9.42 -1.79
C ILE A 149 -12.79 7.92 -1.92
N SER A 150 -13.76 7.13 -1.48
CA SER A 150 -13.67 5.69 -1.60
C SER A 150 -15.03 5.15 -2.02
N VAL A 151 -15.05 4.19 -2.93
CA VAL A 151 -16.31 3.60 -3.37
C VAL A 151 -16.05 2.15 -3.68
N ALA A 152 -16.87 1.28 -3.10
CA ALA A 152 -16.74 -0.15 -3.29
C ALA A 152 -17.08 -0.60 -4.70
N GLY A 153 -16.95 -1.91 -4.93
CA GLY A 153 -17.24 -2.44 -6.24
C GLY A 153 -15.96 -2.70 -7.00
N ALA A 154 -16.03 -3.60 -7.97
CA ALA A 154 -14.88 -3.97 -8.78
C ALA A 154 -14.75 -3.16 -10.07
N GLN A 155 -15.84 -2.52 -10.49
CA GLN A 155 -15.81 -1.74 -11.73
C GLN A 155 -15.10 -0.41 -11.54
N GLU A 156 -14.33 0.00 -12.54
CA GLU A 156 -13.58 1.26 -12.48
C GLU A 156 -14.58 2.41 -12.33
N LYS A 157 -14.28 3.34 -11.42
CA LYS A 157 -15.19 4.45 -11.18
C LYS A 157 -14.55 5.58 -10.37
N THR A 158 -15.37 6.57 -10.03
CA THR A 158 -14.96 7.72 -9.23
C THR A 158 -16.25 8.33 -8.66
N ALA A 159 -16.16 9.48 -8.02
CA ALA A 159 -17.35 10.14 -7.49
C ALA A 159 -17.11 11.62 -7.52
N LEU A 160 -18.12 12.40 -7.89
CA LEU A 160 -17.95 13.84 -7.98
C LEU A 160 -19.12 14.57 -7.32
N LEU A 161 -18.96 15.88 -7.17
CA LEU A 161 -19.98 16.74 -6.57
C LEU A 161 -20.60 17.58 -7.67
N ARG A 162 -21.93 17.53 -7.82
CA ARG A 162 -22.57 18.35 -8.84
C ARG A 162 -23.27 19.52 -8.16
N ILE A 163 -22.88 20.73 -8.53
CA ILE A 163 -23.45 21.96 -7.99
C ILE A 163 -24.11 22.66 -9.17
N GLY A 164 -25.44 22.67 -9.20
CA GLY A 164 -26.13 23.26 -10.33
C GLY A 164 -25.81 22.33 -11.48
N ASN A 165 -25.44 22.87 -12.63
CA ASN A 165 -25.11 22.03 -13.78
C ASN A 165 -23.58 21.97 -13.99
N ASP A 166 -22.82 22.21 -12.91
CA ASP A 166 -21.36 22.17 -12.94
C ASP A 166 -20.83 20.95 -12.18
N TRP A 167 -19.80 20.29 -12.71
CA TRP A 167 -19.20 19.15 -12.00
C TRP A 167 -18.06 19.71 -11.16
N CYS A 168 -17.91 19.17 -9.95
CA CYS A 168 -16.91 19.68 -9.04
C CYS A 168 -16.24 18.59 -8.24
N ILE A 169 -15.02 18.89 -7.80
CA ILE A 169 -14.28 17.99 -6.94
C ILE A 169 -14.48 18.58 -5.55
N PRO A 170 -15.06 17.81 -4.62
CA PRO A 170 -15.27 18.32 -3.27
C PRO A 170 -13.96 18.33 -2.48
N LYS A 171 -13.82 19.31 -1.61
CA LYS A 171 -12.62 19.43 -0.79
C LYS A 171 -12.92 19.09 0.66
N GLY A 172 -11.89 18.66 1.39
CA GLY A 172 -12.07 18.33 2.79
C GLY A 172 -13.11 17.26 3.02
N ILE A 173 -14.09 17.55 3.87
CA ILE A 173 -15.14 16.58 4.19
C ILE A 173 -16.43 16.79 3.41
N THR A 174 -16.40 17.62 2.37
CA THR A 174 -17.61 17.87 1.58
C THR A 174 -17.97 16.60 0.81
N PRO A 175 -19.26 16.24 0.75
CA PRO A 175 -19.65 15.02 0.04
C PRO A 175 -19.79 15.15 -1.47
N THR A 176 -19.82 13.99 -2.11
CA THR A 176 -20.02 13.85 -3.55
C THR A 176 -21.51 13.59 -3.71
N THR A 177 -22.04 13.72 -4.91
CA THR A 177 -23.45 13.52 -5.17
C THR A 177 -23.71 12.42 -6.21
N HIS A 178 -22.67 12.06 -6.95
CA HIS A 178 -22.80 11.07 -8.01
C HIS A 178 -21.65 10.07 -8.03
N ILE A 179 -21.96 8.82 -8.38
CA ILE A 179 -20.93 7.80 -8.53
C ILE A 179 -20.77 7.75 -10.05
N ILE A 180 -19.53 7.86 -10.51
CA ILE A 180 -19.24 7.87 -11.94
C ILE A 180 -18.58 6.55 -12.32
N LYS A 181 -19.23 5.78 -13.17
CA LYS A 181 -18.66 4.51 -13.60
C LYS A 181 -18.04 4.68 -14.98
N LEU A 182 -16.82 4.16 -15.14
CA LEU A 182 -16.11 4.26 -16.40
C LEU A 182 -16.06 2.92 -17.14
N PRO A 183 -15.74 2.96 -18.44
CA PRO A 183 -15.64 1.75 -19.28
C PRO A 183 -14.47 0.88 -18.85
N ILE A 184 -14.74 -0.39 -18.57
CA ILE A 184 -13.69 -1.31 -18.14
C ILE A 184 -12.91 -1.82 -19.35
N GLN A 198 -18.35 -1.33 -22.86
CA GLN A 198 -19.76 -1.12 -23.20
C GLN A 198 -20.67 -1.19 -21.96
N SER A 199 -20.06 -1.35 -20.79
CA SER A 199 -20.80 -1.43 -19.55
C SER A 199 -21.59 -0.16 -19.26
N VAL A 200 -21.03 0.98 -19.66
CA VAL A 200 -21.70 2.25 -19.44
C VAL A 200 -23.08 2.26 -20.09
N ASP A 201 -23.16 1.88 -21.37
CA ASP A 201 -24.42 1.86 -22.08
C ASP A 201 -25.35 0.75 -21.57
N ASN A 202 -24.75 -0.37 -21.18
CA ASN A 202 -25.52 -1.50 -20.67
C ASN A 202 -26.27 -1.10 -19.40
N GLU A 203 -25.53 -0.55 -18.44
CA GLU A 203 -26.14 -0.17 -17.18
C GLU A 203 -27.16 0.96 -17.37
N TYR A 204 -26.85 1.91 -18.26
CA TYR A 204 -27.76 3.01 -18.53
C TYR A 204 -29.13 2.49 -18.99
N TYR A 205 -29.09 1.56 -19.91
CA TYR A 205 -30.29 0.97 -20.45
C TYR A 205 -31.05 0.21 -19.36
N CYS A 206 -30.34 -0.61 -18.61
CA CYS A 206 -31.00 -1.40 -17.57
C CYS A 206 -31.65 -0.52 -16.48
N LEU A 207 -31.00 0.58 -16.12
CA LEU A 207 -31.57 1.47 -15.13
C LEU A 207 -32.83 2.12 -15.68
N LEU A 208 -32.83 2.46 -16.98
CA LEU A 208 -34.02 3.05 -17.56
C LEU A 208 -35.14 2.03 -17.60
N LEU A 209 -34.83 0.79 -17.99
CA LEU A 209 -35.86 -0.24 -18.02
C LEU A 209 -36.40 -0.50 -16.62
N ALA A 210 -35.52 -0.52 -15.62
CA ALA A 210 -35.98 -0.74 -14.24
C ALA A 210 -36.99 0.32 -13.83
N LYS A 211 -36.66 1.57 -14.14
CA LYS A 211 -37.52 2.70 -13.77
C LYS A 211 -38.84 2.64 -14.48
N GLU A 212 -38.78 2.30 -15.76
CA GLU A 212 -39.98 2.19 -16.58
C GLU A 212 -40.94 1.15 -16.02
N LEU A 213 -40.39 0.11 -15.39
CA LEU A 213 -41.20 -0.97 -14.82
C LEU A 213 -41.65 -0.70 -13.39
N GLY A 214 -41.37 0.51 -12.91
CA GLY A 214 -41.78 0.90 -11.57
C GLY A 214 -40.87 0.45 -10.45
N LEU A 215 -39.64 0.05 -10.78
CA LEU A 215 -38.71 -0.39 -9.75
C LEU A 215 -37.96 0.80 -9.19
N ASN A 216 -37.60 0.70 -7.91
CA ASN A 216 -36.88 1.75 -7.19
C ASN A 216 -35.40 1.69 -7.53
N VAL A 217 -34.95 2.57 -8.43
CA VAL A 217 -33.54 2.65 -8.83
C VAL A 217 -33.17 4.12 -8.98
N PRO A 218 -31.87 4.44 -8.93
CA PRO A 218 -31.46 5.83 -9.08
C PRO A 218 -31.51 6.28 -10.55
N ASP A 219 -31.58 7.59 -10.73
CA ASP A 219 -31.55 8.13 -12.08
C ASP A 219 -30.07 8.23 -12.42
N ALA A 220 -29.76 8.11 -13.71
CA ALA A 220 -28.38 8.18 -14.18
C ALA A 220 -28.39 8.83 -15.55
N GLU A 221 -27.23 9.36 -15.93
CA GLU A 221 -27.11 10.01 -17.22
C GLU A 221 -25.73 9.68 -17.79
N ILE A 222 -25.63 9.66 -19.11
CA ILE A 222 -24.34 9.40 -19.73
C ILE A 222 -23.70 10.77 -19.83
N ILE A 223 -22.52 10.95 -19.24
CA ILE A 223 -21.84 12.24 -19.31
C ILE A 223 -20.73 12.18 -20.36
N LYS A 224 -20.41 13.35 -20.91
CA LYS A 224 -19.38 13.45 -21.94
C LYS A 224 -18.25 14.40 -21.56
N ALA A 225 -17.03 13.96 -21.81
CA ALA A 225 -15.84 14.74 -21.55
C ALA A 225 -14.81 14.30 -22.58
N GLY A 226 -14.79 15.01 -23.70
CA GLY A 226 -13.87 14.65 -24.77
C GLY A 226 -14.40 13.41 -25.45
N ASN A 227 -13.56 12.41 -25.63
CA ASN A 227 -13.99 11.17 -26.27
C ASN A 227 -14.32 10.13 -25.20
N VAL A 228 -14.57 10.61 -23.99
CA VAL A 228 -14.89 9.74 -22.88
C VAL A 228 -16.39 9.74 -22.58
N ARG A 229 -16.93 8.54 -22.37
CA ARG A 229 -18.35 8.37 -22.06
C ARG A 229 -18.46 7.60 -20.76
N ALA A 230 -18.96 8.26 -19.72
CA ALA A 230 -19.10 7.63 -18.43
C ALA A 230 -20.56 7.64 -17.97
N LEU A 231 -20.86 6.89 -16.92
CA LEU A 231 -22.22 6.86 -16.39
C LEU A 231 -22.23 7.56 -15.04
N ALA A 232 -23.01 8.64 -14.95
CA ALA A 232 -23.12 9.38 -13.69
C ALA A 232 -24.40 8.94 -13.02
N VAL A 233 -24.27 8.21 -11.91
CA VAL A 233 -25.42 7.70 -11.18
C VAL A 233 -25.69 8.55 -9.92
N GLU A 234 -26.90 9.07 -9.80
CA GLU A 234 -27.27 9.91 -8.66
C GLU A 234 -27.23 9.05 -7.43
N ARG A 235 -26.57 9.55 -6.39
CA ARG A 235 -26.42 8.81 -5.13
C ARG A 235 -27.65 8.93 -4.24
N PHE A 236 -28.14 7.80 -3.76
CA PHE A 236 -29.27 7.80 -2.83
C PHE A 236 -28.80 7.78 -1.37
N ASP A 237 -27.48 7.82 -1.17
CA ASP A 237 -26.91 7.93 0.19
C ASP A 237 -26.50 9.40 0.43
N ARG A 238 -27.09 10.29 -0.36
CA ARG A 238 -26.84 11.72 -0.22
C ARG A 238 -28.18 12.43 -0.35
N ARG A 239 -28.35 13.51 0.41
CA ARG A 239 -29.58 14.27 0.33
C ARG A 239 -29.36 15.73 0.66
N TRP A 240 -29.82 16.60 -0.25
CA TRP A 240 -29.73 18.03 -0.02
C TRP A 240 -30.93 18.41 0.83
N ASN A 241 -30.79 19.47 1.62
CA ASN A 241 -31.94 19.90 2.39
C ASN A 241 -32.88 20.57 1.36
N ALA A 242 -34.09 20.91 1.79
CA ALA A 242 -35.09 21.49 0.90
C ALA A 242 -34.62 22.71 0.14
N GLU A 243 -33.89 23.60 0.81
CA GLU A 243 -33.38 24.81 0.18
C GLU A 243 -32.14 24.63 -0.69
N ARG A 244 -31.60 23.41 -0.69
CA ARG A 244 -30.40 23.08 -1.49
C ARG A 244 -29.17 23.87 -1.09
N THR A 245 -29.00 24.08 0.21
CA THR A 245 -27.86 24.82 0.71
C THR A 245 -26.89 23.93 1.46
N VAL A 246 -27.39 22.79 1.94
CA VAL A 246 -26.54 21.85 2.68
C VAL A 246 -26.72 20.43 2.14
N LEU A 247 -25.61 19.73 1.92
CA LEU A 247 -25.66 18.38 1.40
C LEU A 247 -25.28 17.42 2.53
N LEU A 248 -26.19 16.49 2.85
CA LEU A 248 -25.97 15.53 3.92
C LEU A 248 -25.73 14.11 3.42
N ARG A 249 -25.08 13.29 4.24
CA ARG A 249 -24.85 11.91 3.85
C ARG A 249 -25.88 11.11 4.63
N LEU A 250 -26.33 10.01 4.04
CA LEU A 250 -27.33 9.14 4.69
C LEU A 250 -26.67 7.81 5.01
N PRO A 251 -26.72 7.35 6.28
CA PRO A 251 -26.14 6.09 6.76
C PRO A 251 -26.71 4.95 5.90
N GLN A 252 -25.83 4.07 5.46
CA GLN A 252 -26.23 2.99 4.58
C GLN A 252 -25.17 1.90 4.65
N GLU A 253 -25.58 0.65 4.47
CA GLU A 253 -24.60 -0.45 4.42
C GLU A 253 -25.11 -1.55 3.52
N ASP A 254 -24.19 -2.34 2.95
CA ASP A 254 -24.59 -3.42 2.05
C ASP A 254 -24.81 -4.71 2.84
N CYS A 256 -23.19 -7.56 2.86
CA CYS A 256 -22.02 -8.17 3.50
C CYS A 256 -21.78 -7.48 4.84
N GLN A 257 -21.85 -6.15 4.85
CA GLN A 257 -21.64 -5.39 6.09
C GLN A 257 -22.70 -5.74 7.13
N THR A 258 -23.97 -5.76 6.72
CA THR A 258 -25.00 -6.02 7.68
C THR A 258 -24.86 -7.41 8.32
N PHE A 259 -24.30 -8.38 7.59
CA PHE A 259 -24.12 -9.71 8.15
C PHE A 259 -22.71 -9.92 8.72
N GLY A 260 -21.90 -8.85 8.74
CA GLY A 260 -20.54 -8.91 9.31
C GLY A 260 -19.54 -9.73 8.51
N LEU A 261 -19.82 -9.89 7.23
CA LEU A 261 -18.99 -10.70 6.34
C LEU A 261 -18.03 -9.94 5.45
N PRO A 262 -16.95 -10.61 5.03
CA PRO A 262 -15.96 -9.98 4.14
C PRO A 262 -16.53 -9.92 2.71
N SER A 263 -16.06 -8.98 1.90
CA SER A 263 -16.52 -8.88 0.53
C SER A 263 -16.17 -10.15 -0.26
N SER A 264 -15.16 -10.90 0.23
CA SER A 264 -14.75 -12.12 -0.46
C SER A 264 -15.86 -13.18 -0.55
N VAL A 265 -16.88 -13.08 0.33
CA VAL A 265 -17.99 -14.03 0.31
C VAL A 265 -19.32 -13.39 -0.15
N LYS A 266 -19.25 -12.32 -0.94
CA LYS A 266 -20.48 -11.66 -1.42
C LYS A 266 -21.39 -12.61 -2.21
N TYR A 267 -20.82 -13.54 -2.96
CA TYR A 267 -21.63 -14.51 -3.70
C TYR A 267 -22.11 -15.67 -2.82
N GLU A 268 -23.35 -16.11 -3.03
CA GLU A 268 -23.89 -17.20 -2.23
C GLU A 268 -23.02 -18.44 -2.34
N SER A 269 -22.45 -18.68 -3.52
CA SER A 269 -21.61 -19.86 -3.72
C SER A 269 -20.33 -19.81 -2.89
N ASP A 270 -19.97 -18.62 -2.41
CA ASP A 270 -18.78 -18.47 -1.58
C ASP A 270 -19.17 -18.35 -0.11
N GLY A 271 -20.44 -18.62 0.17
CA GLY A 271 -20.93 -18.57 1.54
C GLY A 271 -21.70 -17.32 1.90
N GLY A 272 -21.97 -16.46 0.91
CA GLY A 272 -22.70 -15.23 1.17
C GLY A 272 -24.20 -15.49 1.30
N PRO A 273 -24.96 -14.48 1.71
CA PRO A 273 -26.40 -14.65 1.87
C PRO A 273 -27.18 -14.82 0.57
N GLY A 274 -28.16 -15.71 0.60
CA GLY A 274 -29.02 -15.93 -0.55
C GLY A 274 -30.37 -15.26 -0.31
N ILE A 275 -31.32 -15.56 -1.17
CA ILE A 275 -32.66 -14.98 -1.06
C ILE A 275 -33.28 -15.29 0.31
N ALA A 276 -33.13 -16.52 0.76
CA ALA A 276 -33.74 -16.90 2.04
C ALA A 276 -33.16 -16.06 3.19
N ARG A 277 -31.85 -15.92 3.26
CA ARG A 277 -31.30 -15.15 4.38
C ARG A 277 -31.70 -13.69 4.32
N ILE A 278 -31.71 -13.10 3.13
CA ILE A 278 -32.09 -11.70 3.03
C ILE A 278 -33.58 -11.48 3.31
N ALA A 280 -35.47 -13.21 5.30
CA ALA A 280 -35.66 -13.33 6.73
C ALA A 280 -35.16 -12.05 7.41
N PHE A 281 -34.05 -11.49 6.93
CA PHE A 281 -33.51 -10.26 7.48
C PHE A 281 -34.49 -9.11 7.26
N LEU A 282 -35.09 -9.07 6.07
CA LEU A 282 -36.07 -8.01 5.78
C LEU A 282 -37.33 -8.07 6.62
N GLY A 284 -37.31 -7.79 9.54
CA GLY A 284 -37.01 -6.81 10.58
C GLY A 284 -36.96 -5.37 10.10
N SER A 285 -37.21 -5.18 8.82
CA SER A 285 -37.21 -3.86 8.22
C SER A 285 -38.39 -2.99 8.71
N SER A 286 -38.20 -1.68 8.76
CA SER A 286 -39.30 -0.79 9.16
C SER A 286 -40.38 -0.81 8.05
N GLU A 287 -40.02 -1.36 6.89
CA GLU A 287 -40.94 -1.49 5.75
C GLU A 287 -40.89 -2.95 5.32
N ALA A 288 -41.01 -3.86 6.27
CA ALA A 288 -40.87 -5.29 5.95
C ALA A 288 -41.69 -5.83 4.79
N LEU A 289 -43.00 -5.63 4.81
CA LEU A 289 -43.85 -6.21 3.76
C LEU A 289 -43.53 -5.63 2.39
N LYS A 290 -43.30 -4.33 2.33
CA LYS A 290 -42.96 -3.68 1.07
C LYS A 290 -41.59 -4.12 0.58
N ASP A 291 -40.62 -4.14 1.50
CA ASP A 291 -39.28 -4.53 1.12
C ASP A 291 -39.21 -5.97 0.63
N ARG A 292 -39.92 -6.88 1.29
CA ARG A 292 -39.95 -8.28 0.87
C ARG A 292 -40.56 -8.39 -0.51
N TYR A 293 -41.64 -7.64 -0.74
CA TYR A 293 -42.27 -7.65 -2.04
C TYR A 293 -41.31 -7.12 -3.11
N ASP A 294 -40.70 -5.96 -2.86
CA ASP A 294 -39.79 -5.34 -3.80
C ASP A 294 -38.58 -6.21 -4.09
N PHE A 295 -38.08 -6.90 -3.06
CA PHE A 295 -36.90 -7.76 -3.24
C PHE A 295 -37.25 -8.93 -4.16
N LYS A 297 -39.70 -9.03 -6.31
CA LYS A 297 -39.97 -8.47 -7.64
C LYS A 297 -38.64 -8.29 -8.38
N PHE A 298 -37.63 -7.76 -7.69
CA PHE A 298 -36.34 -7.56 -8.31
C PHE A 298 -35.67 -8.89 -8.72
N GLN A 299 -35.97 -10.00 -8.04
CA GLN A 299 -35.38 -11.28 -8.43
C GLN A 299 -35.92 -11.66 -9.80
N VAL A 300 -37.22 -11.46 -9.98
CA VAL A 300 -37.85 -11.79 -11.28
C VAL A 300 -37.29 -10.87 -12.36
N PHE A 301 -37.08 -9.59 -12.02
CA PHE A 301 -36.51 -8.64 -12.97
C PHE A 301 -35.09 -9.08 -13.36
N GLN A 302 -34.26 -9.43 -12.38
CA GLN A 302 -32.89 -9.85 -12.73
C GLN A 302 -32.90 -11.06 -13.67
N TRP A 303 -33.82 -11.98 -13.43
CA TRP A 303 -33.92 -13.16 -14.28
C TRP A 303 -34.27 -12.72 -15.70
N LEU A 304 -35.26 -11.83 -15.83
CA LEU A 304 -35.68 -11.36 -17.14
C LEU A 304 -34.57 -10.67 -17.93
N ILE A 305 -33.76 -9.85 -17.29
CA ILE A 305 -32.69 -9.18 -18.00
C ILE A 305 -31.34 -9.91 -17.98
N GLY A 306 -31.33 -11.13 -17.45
CA GLY A 306 -30.04 -11.85 -17.46
C GLY A 306 -28.98 -11.19 -16.59
N ALA A 307 -29.40 -10.68 -15.44
CA ALA A 307 -28.47 -10.03 -14.52
C ALA A 307 -27.86 -11.13 -13.64
N THR A 308 -26.57 -11.40 -13.83
CA THR A 308 -25.91 -12.49 -13.09
C THR A 308 -25.07 -12.05 -11.89
N GLN A 309 -25.00 -10.75 -11.62
CA GLN A 309 -24.16 -10.27 -10.51
C GLN A 309 -24.93 -9.66 -9.34
N GLY A 310 -26.11 -10.20 -9.07
CA GLY A 310 -26.91 -9.70 -7.94
C GLY A 310 -26.47 -10.34 -6.62
N HIS A 311 -25.19 -10.16 -6.29
CA HIS A 311 -24.62 -10.71 -5.06
C HIS A 311 -24.94 -9.82 -3.85
N ALA A 312 -24.48 -10.24 -2.68
CA ALA A 312 -24.77 -9.53 -1.45
C ALA A 312 -24.39 -8.06 -1.38
N LYS A 313 -23.33 -7.64 -2.07
CA LYS A 313 -22.98 -6.23 -1.98
C LYS A 313 -23.82 -5.35 -2.92
N ASN A 314 -24.66 -5.99 -3.73
CA ASN A 314 -25.52 -5.23 -4.62
C ASN A 314 -26.89 -4.95 -4.03
N PHE A 315 -27.03 -5.21 -2.71
CA PHE A 315 -28.25 -4.86 -1.97
C PHE A 315 -27.82 -4.14 -0.71
N SER A 316 -28.54 -3.07 -0.36
CA SER A 316 -28.22 -2.30 0.84
C SER A 316 -29.46 -1.84 1.58
N VAL A 317 -29.21 -1.39 2.81
CA VAL A 317 -30.27 -0.84 3.64
C VAL A 317 -29.78 0.49 4.20
N PHE A 318 -30.75 1.36 4.43
CA PHE A 318 -30.47 2.65 5.08
C PHE A 318 -30.53 2.35 6.59
N ILE A 319 -29.65 2.96 7.38
CA ILE A 319 -29.74 2.76 8.82
C ILE A 319 -30.34 4.08 9.31
N GLN A 320 -31.51 3.98 9.91
CA GLN A 320 -32.26 5.16 10.31
C GLN A 320 -32.10 5.48 11.78
N ALA A 321 -32.67 6.62 12.19
CA ALA A 321 -32.61 7.06 13.56
C ALA A 321 -33.05 5.89 14.46
N GLY A 322 -32.33 5.69 15.55
CA GLY A 322 -32.70 4.61 16.46
C GLY A 322 -32.30 3.22 16.01
N GLY A 323 -31.62 3.11 14.86
CA GLY A 323 -31.18 1.83 14.39
C GLY A 323 -32.18 1.03 13.56
N SER A 324 -33.30 1.63 13.18
CA SER A 324 -34.23 0.88 12.35
C SER A 324 -33.60 0.85 10.95
N TYR A 325 -34.07 -0.01 10.06
CA TYR A 325 -33.47 -0.07 8.74
C TYR A 325 -34.52 -0.39 7.68
N ARG A 326 -34.21 -0.09 6.43
CA ARG A 326 -35.12 -0.31 5.34
C ARG A 326 -34.28 -0.46 4.07
N LEU A 327 -34.78 -1.21 3.09
CA LEU A 327 -34.04 -1.40 1.86
C LEU A 327 -33.82 -0.09 1.08
N THR A 328 -32.64 0.06 0.47
CA THR A 328 -32.34 1.21 -0.37
C THR A 328 -32.79 0.82 -1.79
N PRO A 329 -32.69 1.78 -2.74
CA PRO A 329 -33.09 1.43 -4.11
C PRO A 329 -32.07 0.38 -4.58
N PHE A 330 -32.37 -0.26 -5.72
CA PHE A 330 -31.48 -1.28 -6.28
C PHE A 330 -30.50 -0.51 -7.15
N TYR A 331 -29.35 -1.10 -7.43
CA TYR A 331 -28.29 -0.41 -8.19
C TYR A 331 -27.33 -1.42 -8.83
N ASP A 332 -26.34 -0.92 -9.60
CA ASP A 332 -25.37 -1.79 -10.28
C ASP A 332 -26.08 -2.91 -11.04
N ILE A 333 -26.90 -2.49 -12.00
CA ILE A 333 -27.70 -3.38 -12.78
C ILE A 333 -27.12 -3.55 -14.18
N ILE A 334 -26.60 -4.74 -14.46
CA ILE A 334 -25.97 -5.07 -15.74
C ILE A 334 -26.53 -6.36 -16.32
N SER A 335 -26.87 -6.34 -17.61
CA SER A 335 -27.37 -7.52 -18.27
C SER A 335 -26.23 -8.30 -18.90
N ALA A 336 -26.29 -9.63 -18.84
CA ALA A 336 -25.26 -10.45 -19.47
C ALA A 336 -25.55 -10.63 -20.95
N PHE A 337 -26.79 -10.32 -21.34
CA PHE A 337 -27.22 -10.54 -22.73
C PHE A 337 -26.35 -9.93 -23.82
N PRO A 338 -25.89 -8.70 -23.65
CA PRO A 338 -25.06 -8.16 -24.74
C PRO A 338 -23.68 -8.80 -24.82
N VAL A 339 -23.28 -9.50 -23.78
CA VAL A 339 -21.98 -10.15 -23.77
C VAL A 339 -22.04 -11.57 -24.32
N LEU A 340 -23.25 -12.11 -24.50
CA LEU A 340 -23.38 -13.46 -25.03
C LEU A 340 -22.76 -13.60 -26.43
N GLY A 341 -22.21 -14.78 -26.71
CA GLY A 341 -21.64 -15.06 -28.02
C GLY A 341 -20.32 -14.40 -28.38
N GLY A 342 -20.18 -13.11 -28.09
CA GLY A 342 -18.96 -12.40 -28.43
C GLY A 342 -17.67 -13.03 -27.95
N THR A 343 -17.68 -13.56 -26.72
CA THR A 343 -16.51 -14.21 -26.15
C THR A 343 -16.80 -15.66 -25.82
N GLY A 344 -17.73 -16.25 -26.55
CA GLY A 344 -18.05 -17.65 -26.32
C GLY A 344 -19.01 -17.96 -25.20
N ILE A 345 -19.46 -16.95 -24.44
CA ILE A 345 -20.42 -17.22 -23.36
C ILE A 345 -21.78 -17.51 -23.97
N HIS A 346 -22.40 -18.60 -23.55
CA HIS A 346 -23.68 -19.03 -24.07
C HIS A 346 -24.80 -18.76 -23.07
N ILE A 347 -26.03 -18.67 -23.54
CA ILE A 347 -27.14 -18.40 -22.64
C ILE A 347 -27.24 -19.42 -21.52
N SER A 348 -26.84 -20.65 -21.82
CA SER A 348 -26.90 -21.72 -20.82
C SER A 348 -25.89 -21.50 -19.70
N ASP A 349 -24.92 -20.61 -19.92
CA ASP A 349 -23.87 -20.31 -18.93
C ASP A 349 -24.31 -19.24 -17.91
N LEU A 350 -25.46 -18.60 -18.15
CA LEU A 350 -25.92 -17.53 -17.26
C LEU A 350 -26.61 -18.05 -16.04
N LYS A 351 -26.11 -17.62 -14.87
CA LYS A 351 -26.68 -18.11 -13.61
C LYS A 351 -27.03 -16.95 -12.70
N LEU A 352 -28.14 -17.07 -11.99
CA LEU A 352 -28.52 -16.03 -11.04
C LEU A 352 -27.51 -16.13 -9.88
N ALA A 353 -27.08 -14.99 -9.35
CA ALA A 353 -26.17 -15.00 -8.22
C ALA A 353 -26.82 -15.68 -7.02
N GLY A 355 -29.69 -18.33 -6.18
CA GLY A 355 -30.61 -19.31 -6.76
C GLY A 355 -32.00 -19.41 -6.13
N LEU A 356 -32.94 -19.96 -6.89
CA LEU A 356 -34.34 -20.16 -6.49
C LEU A 356 -34.49 -21.60 -6.04
N ASN A 357 -35.63 -21.94 -5.45
CA ASN A 357 -35.91 -23.31 -5.03
C ASN A 357 -36.21 -24.15 -6.27
N ALA A 358 -35.73 -25.39 -6.31
CA ALA A 358 -36.03 -26.31 -7.40
C ALA A 358 -36.60 -27.57 -6.75
N SER A 359 -37.23 -28.46 -7.52
CA SER A 359 -37.82 -29.67 -6.96
C SER A 359 -36.79 -30.35 -6.10
N LYS A 360 -35.55 -30.31 -6.57
CA LYS A 360 -34.43 -30.86 -5.87
C LYS A 360 -33.34 -29.79 -5.85
N GLY A 361 -32.99 -29.34 -4.67
CA GLY A 361 -31.95 -28.32 -4.58
C GLY A 361 -32.37 -26.95 -5.05
N LYS A 362 -31.49 -26.36 -5.86
CA LYS A 362 -31.66 -25.01 -6.35
C LYS A 362 -31.77 -24.92 -7.86
N LYS A 363 -32.34 -23.81 -8.31
CA LYS A 363 -32.46 -23.51 -9.73
C LYS A 363 -31.66 -22.21 -9.92
N THR A 364 -30.63 -22.24 -10.76
CA THR A 364 -29.78 -21.09 -11.01
C THR A 364 -29.68 -20.67 -12.48
N ALA A 365 -29.95 -21.60 -13.39
CA ALA A 365 -29.83 -21.30 -14.82
C ALA A 365 -30.98 -20.43 -15.34
N ILE A 366 -30.66 -19.21 -15.74
CA ILE A 366 -31.67 -18.30 -16.26
C ILE A 366 -32.45 -18.97 -17.40
N ASP A 367 -31.75 -19.69 -18.26
CA ASP A 367 -32.41 -20.37 -19.38
C ASP A 367 -33.33 -21.52 -18.98
N LYS A 368 -33.25 -21.97 -17.73
CA LYS A 368 -34.10 -23.06 -17.25
C LYS A 368 -35.13 -22.66 -16.21
N ILE A 369 -35.13 -21.38 -15.82
CA ILE A 369 -36.06 -20.89 -14.81
C ILE A 369 -37.43 -20.49 -15.39
N TYR A 370 -38.50 -20.85 -14.66
CA TYR A 370 -39.88 -20.54 -15.05
C TYR A 370 -40.66 -20.04 -13.84
N PRO A 371 -41.89 -19.54 -14.05
CA PRO A 371 -42.68 -19.06 -12.92
C PRO A 371 -42.76 -20.04 -11.73
N ARG A 372 -42.81 -21.33 -12.01
CA ARG A 372 -42.91 -22.31 -10.92
C ARG A 372 -41.81 -22.21 -9.88
N HIS A 373 -40.62 -21.80 -10.31
CA HIS A 373 -39.50 -21.71 -9.38
C HIS A 373 -39.67 -20.50 -8.46
N PHE A 374 -40.24 -19.42 -8.97
CA PHE A 374 -40.44 -18.26 -8.12
C PHE A 374 -41.54 -18.57 -7.12
N LEU A 375 -42.59 -19.26 -7.58
CA LEU A 375 -43.68 -19.65 -6.71
C LEU A 375 -43.26 -20.61 -5.61
N ALA A 376 -42.40 -21.56 -5.95
CA ALA A 376 -41.96 -22.53 -4.94
C ALA A 376 -41.09 -21.86 -3.88
N THR A 377 -40.28 -20.90 -4.33
CA THR A 377 -39.41 -20.14 -3.43
C THR A 377 -40.27 -19.28 -2.50
N ALA A 378 -41.24 -18.56 -3.06
CA ALA A 378 -42.11 -17.73 -2.24
C ALA A 378 -42.80 -18.56 -1.16
N LYS A 379 -43.27 -19.76 -1.55
CA LYS A 379 -43.99 -20.63 -0.62
C LYS A 379 -43.15 -20.96 0.62
N VAL A 380 -41.92 -21.42 0.41
CA VAL A 380 -41.05 -21.77 1.52
C VAL A 380 -40.57 -20.58 2.35
N LEU A 381 -40.60 -19.38 1.77
CA LEU A 381 -40.13 -18.20 2.48
C LEU A 381 -41.26 -17.40 3.10
N ARG A 382 -42.48 -17.94 3.06
CA ARG A 382 -43.63 -17.29 3.66
C ARG A 382 -43.96 -15.95 2.99
N PHE A 383 -43.68 -15.85 1.70
CA PHE A 383 -44.03 -14.66 0.91
C PHE A 383 -45.36 -15.04 0.27
N PRO A 384 -46.41 -14.25 0.50
CA PRO A 384 -47.75 -14.56 -0.05
C PRO A 384 -47.81 -14.96 -1.51
N GLU A 385 -48.41 -16.13 -1.76
CA GLU A 385 -48.56 -16.63 -3.13
C GLU A 385 -49.29 -15.61 -4.01
N VAL A 386 -50.32 -14.95 -3.48
CA VAL A 386 -51.04 -13.97 -4.28
C VAL A 386 -50.13 -12.85 -4.75
N GLN A 387 -49.16 -12.46 -3.91
CA GLN A 387 -48.23 -11.40 -4.27
C GLN A 387 -47.27 -11.88 -5.33
N HIS A 389 -47.85 -14.10 -7.61
CA HIS A 389 -48.56 -14.13 -8.88
C HIS A 389 -48.70 -12.72 -9.45
N GLU A 390 -48.98 -11.77 -8.58
CA GLU A 390 -49.14 -10.37 -8.97
C GLU A 390 -47.87 -9.89 -9.65
N ILE A 391 -46.73 -10.13 -9.03
CA ILE A 391 -45.46 -9.73 -9.64
C ILE A 391 -45.29 -10.35 -11.02
N LEU A 392 -45.53 -11.65 -11.12
CA LEU A 392 -45.36 -12.37 -12.38
C LEU A 392 -46.33 -11.86 -13.44
N SER A 393 -47.58 -11.68 -13.05
CA SER A 393 -48.57 -11.18 -14.01
C SER A 393 -48.28 -9.75 -14.44
N ASP A 394 -47.78 -8.92 -13.52
CA ASP A 394 -47.43 -7.55 -13.88
C ASP A 394 -46.30 -7.54 -14.93
N PHE A 395 -45.25 -8.37 -14.76
CA PHE A 395 -44.21 -8.37 -15.78
C PHE A 395 -44.76 -8.97 -17.09
N ALA A 396 -45.65 -9.95 -16.99
CA ALA A 396 -46.19 -10.52 -18.23
C ALA A 396 -46.90 -9.46 -19.09
N ARG A 397 -47.66 -8.56 -18.50
CA ARG A 397 -48.29 -7.60 -19.39
C ARG A 397 -47.52 -6.31 -19.63
N ILE A 399 -43.92 -5.86 -19.71
CA ILE A 399 -42.63 -5.91 -20.37
C ILE A 399 -42.56 -5.39 -21.81
N PRO A 400 -43.44 -5.88 -22.71
CA PRO A 400 -43.36 -5.39 -24.10
C PRO A 400 -43.35 -3.88 -24.24
N ALA A 401 -44.37 -3.26 -23.65
CA ALA A 401 -44.50 -1.81 -23.68
C ALA A 401 -43.33 -1.13 -23.02
N ALA A 402 -42.81 -1.68 -21.92
CA ALA A 402 -41.68 -1.07 -21.25
C ALA A 402 -40.43 -1.02 -22.12
N LEU A 403 -40.17 -2.10 -22.87
CA LEU A 403 -39.00 -2.15 -23.73
C LEU A 403 -39.11 -1.09 -24.82
N ASP A 404 -40.29 -1.00 -25.41
CA ASP A 404 -40.53 -0.01 -26.45
C ASP A 404 -40.37 1.41 -25.94
N ASN A 405 -40.96 1.69 -24.78
CA ASN A 405 -40.86 3.03 -24.21
C ASN A 405 -39.43 3.41 -23.93
N VAL A 406 -38.65 2.46 -23.43
CA VAL A 406 -37.27 2.75 -23.13
C VAL A 406 -36.53 3.04 -24.44
N LYS A 407 -36.73 2.18 -25.44
CA LYS A 407 -36.04 2.35 -26.72
C LYS A 407 -36.24 3.75 -27.28
N THR A 408 -37.46 4.25 -27.23
CA THR A 408 -37.76 5.57 -27.76
C THR A 408 -37.13 6.70 -26.95
N SER A 409 -36.73 6.40 -25.71
CA SER A 409 -36.11 7.39 -24.83
C SER A 409 -34.59 7.40 -24.94
N LEU A 410 -34.03 6.44 -25.67
CA LEU A 410 -32.58 6.35 -25.82
C LEU A 410 -32.04 7.37 -26.82
N PRO A 411 -30.80 7.81 -26.64
CA PRO A 411 -30.19 8.77 -27.57
C PRO A 411 -30.09 8.12 -28.93
N THR A 412 -29.73 8.89 -29.95
CA THR A 412 -29.58 8.35 -31.29
C THR A 412 -28.23 7.67 -31.45
N ASP A 413 -27.28 8.05 -30.61
CA ASP A 413 -25.94 7.47 -30.68
C ASP A 413 -25.79 6.26 -29.75
N PHE A 414 -26.90 5.81 -29.16
CA PHE A 414 -26.85 4.67 -28.27
C PHE A 414 -26.63 3.39 -29.07
N PRO A 415 -25.66 2.55 -28.64
CA PRO A 415 -25.34 1.30 -29.33
C PRO A 415 -26.53 0.36 -29.52
N GLU A 416 -26.95 0.27 -30.77
CA GLU A 416 -28.08 -0.56 -31.15
C GLU A 416 -27.91 -2.04 -30.80
N ASN A 417 -26.67 -2.55 -30.77
CA ASN A 417 -26.46 -3.97 -30.46
C ASN A 417 -26.86 -4.29 -29.02
N VAL A 418 -26.67 -3.32 -28.13
CA VAL A 418 -27.05 -3.51 -26.73
C VAL A 418 -28.56 -3.66 -26.66
N VAL A 419 -29.26 -2.72 -27.29
CA VAL A 419 -30.72 -2.76 -27.29
C VAL A 419 -31.22 -4.08 -27.85
N THR A 420 -30.68 -4.49 -28.98
CA THR A 420 -31.09 -5.73 -29.63
C THR A 420 -30.88 -6.96 -28.77
N ALA A 421 -29.66 -7.09 -28.24
CA ALA A 421 -29.32 -8.24 -27.41
C ALA A 421 -30.24 -8.36 -26.21
N VAL A 422 -30.50 -7.23 -25.55
CA VAL A 422 -31.35 -7.24 -24.36
C VAL A 422 -32.81 -7.48 -24.67
N GLU A 423 -33.42 -6.72 -25.58
CA GLU A 423 -34.82 -6.98 -25.78
C GLU A 423 -35.15 -8.34 -26.39
N SER A 424 -34.27 -8.87 -27.24
CA SER A 424 -34.57 -10.16 -27.85
C SER A 424 -34.53 -11.24 -26.77
N ASN A 425 -33.55 -11.13 -25.89
CA ASN A 425 -33.40 -12.11 -24.82
C ASN A 425 -34.46 -11.93 -23.73
N VAL A 426 -34.85 -10.69 -23.47
CA VAL A 426 -35.89 -10.43 -22.47
C VAL A 426 -37.23 -10.96 -22.98
N LEU A 427 -37.54 -10.68 -24.25
CA LEU A 427 -38.81 -11.15 -24.78
C LEU A 427 -38.87 -12.67 -24.83
N ARG A 428 -37.73 -13.29 -25.06
CA ARG A 428 -37.66 -14.75 -25.08
C ARG A 428 -38.07 -15.30 -23.69
N LEU A 429 -37.49 -14.76 -22.61
CA LEU A 429 -37.84 -15.22 -21.28
C LEU A 429 -39.24 -14.78 -20.89
N HIS A 430 -39.61 -13.58 -21.31
CA HIS A 430 -40.92 -13.03 -21.03
C HIS A 430 -42.02 -13.92 -21.59
N GLY A 431 -41.70 -14.60 -22.69
CA GLY A 431 -42.66 -15.50 -23.27
C GLY A 431 -43.14 -16.51 -22.24
N ARG A 432 -42.24 -16.91 -21.35
CA ARG A 432 -42.60 -17.86 -20.32
C ARG A 432 -43.65 -17.32 -19.38
N LEU A 433 -43.65 -16.01 -19.17
CA LEU A 433 -44.64 -15.39 -18.29
C LEU A 433 -45.96 -15.18 -19.01
N SER A 434 -45.90 -14.70 -20.25
CA SER A 434 -47.14 -14.45 -20.98
C SER A 434 -47.94 -15.74 -21.27
N ARG A 435 -47.26 -16.87 -21.44
CA ARG A 435 -47.97 -18.12 -21.69
C ARG A 435 -48.74 -18.58 -20.46
N GLU A 436 -48.31 -18.11 -19.29
CA GLU A 436 -48.95 -18.51 -18.03
C GLU A 436 -49.98 -17.49 -17.54
N TYR A 437 -49.65 -16.21 -17.70
CA TYR A 437 -50.52 -15.13 -17.24
C TYR A 437 -51.16 -14.32 -18.35
N LYS B 3 42.39 10.97 22.62
CA LYS B 3 41.07 10.88 23.31
C LYS B 3 39.96 11.35 22.36
N LEU B 4 39.13 10.43 21.86
CA LEU B 4 38.06 10.79 20.93
C LEU B 4 36.72 11.06 21.59
N VAL B 5 36.30 12.32 21.57
CA VAL B 5 35.03 12.70 22.16
C VAL B 5 33.90 12.34 21.20
N THR B 6 32.86 11.74 21.77
CA THR B 6 31.70 11.32 21.02
C THR B 6 30.55 12.28 21.26
N TRP B 7 30.08 12.91 20.19
CA TRP B 7 28.98 13.86 20.28
C TRP B 7 27.79 13.34 19.47
N ASN B 9 24.80 15.12 17.60
CA ASN B 9 24.20 16.37 17.13
C ASN B 9 24.80 17.61 17.83
N ASN B 10 24.95 17.57 19.15
CA ASN B 10 25.49 18.70 19.88
C ASN B 10 25.74 18.38 21.34
N GLN B 11 25.32 17.19 21.76
CA GLN B 11 25.45 16.73 23.14
C GLN B 11 26.68 15.83 23.29
N ARG B 12 27.40 16.00 24.39
CA ARG B 12 28.57 15.17 24.67
C ARG B 12 28.06 13.82 25.19
N VAL B 13 28.30 12.74 24.42
CA VAL B 13 27.84 11.42 24.81
C VAL B 13 28.81 10.65 25.70
N GLY B 14 30.08 10.74 25.36
CA GLY B 14 31.09 10.02 26.12
C GLY B 14 32.41 10.16 25.42
N GLU B 15 33.35 9.28 25.74
CA GLU B 15 34.67 9.36 25.15
C GLU B 15 35.25 8.00 24.83
N LEU B 16 35.84 7.88 23.66
CA LEU B 16 36.48 6.64 23.24
C LEU B 16 37.98 6.82 23.51
N THR B 17 38.57 5.87 24.22
CA THR B 17 39.99 5.95 24.49
C THR B 17 40.67 4.67 24.01
N LYS B 18 41.92 4.82 23.61
CA LYS B 18 42.74 3.73 23.14
C LYS B 18 43.94 3.60 24.08
N LEU B 19 43.91 2.62 24.98
CA LEU B 19 45.00 2.42 25.92
C LEU B 19 46.31 2.02 25.23
N ALA B 20 47.44 2.29 25.88
CA ALA B 20 48.75 1.95 25.33
C ALA B 20 48.80 0.50 24.90
N ASN B 21 48.05 -0.35 25.60
CA ASN B 21 48.01 -1.76 25.27
C ASN B 21 47.09 -2.02 24.08
N GLY B 22 46.62 -0.93 23.47
CA GLY B 22 45.75 -1.04 22.30
C GLY B 22 44.28 -1.21 22.56
N ALA B 23 43.91 -1.48 23.81
CA ALA B 23 42.52 -1.69 24.17
C ALA B 23 41.67 -0.45 23.86
N HIS B 24 40.49 -0.68 23.28
CA HIS B 24 39.57 0.41 22.98
C HIS B 24 38.51 0.34 24.07
N THR B 25 38.38 1.42 24.83
CA THR B 25 37.38 1.47 25.89
C THR B 25 36.52 2.70 25.71
N PHE B 26 35.31 2.64 26.25
CA PHE B 26 34.36 3.73 26.12
C PHE B 26 33.70 4.04 27.45
N LYS B 27 33.54 5.33 27.74
CA LYS B 27 32.90 5.75 28.97
C LYS B 27 31.85 6.81 28.66
N TYR B 28 30.62 6.57 29.09
CA TYR B 28 29.56 7.53 28.86
C TYR B 28 29.79 8.74 29.74
N ALA B 29 29.47 9.92 29.23
CA ALA B 29 29.60 11.14 30.02
C ALA B 29 28.54 11.14 31.11
N PRO B 30 28.87 11.63 32.31
CA PRO B 30 27.84 11.63 33.36
C PRO B 30 26.61 12.48 33.00
N GLU B 31 26.84 13.63 32.36
CA GLU B 31 25.74 14.51 31.97
C GLU B 31 24.83 13.82 30.94
N TRP B 32 25.40 12.96 30.10
CA TRP B 32 24.62 12.23 29.12
C TRP B 32 23.72 11.24 29.86
N LEU B 33 24.32 10.46 30.75
CA LEU B 33 23.58 9.48 31.53
C LEU B 33 22.50 10.13 32.36
N ALA B 34 22.72 11.37 32.77
CA ALA B 34 21.76 12.11 33.58
C ALA B 34 20.74 12.86 32.71
N SER B 35 20.92 12.79 31.40
CA SER B 35 20.00 13.45 30.47
C SER B 35 18.70 12.66 30.29
N ARG B 36 17.58 13.37 30.24
CA ARG B 36 16.29 12.74 30.06
C ARG B 36 16.10 12.22 28.63
N TYR B 37 16.94 12.68 27.70
CA TYR B 37 16.85 12.25 26.31
C TYR B 37 18.00 11.31 25.93
N ALA B 38 18.63 10.73 26.95
CA ALA B 38 19.76 9.82 26.77
C ALA B 38 19.44 8.50 26.08
N ARG B 39 20.28 8.11 25.13
CA ARG B 39 20.14 6.83 24.44
C ARG B 39 21.51 6.26 24.29
N PRO B 40 21.61 4.92 24.26
CA PRO B 40 22.92 4.30 24.11
C PRO B 40 23.44 4.48 22.69
N LEU B 41 24.75 4.39 22.55
CA LEU B 41 25.43 4.52 21.27
C LEU B 41 25.11 3.29 20.40
N SER B 42 24.94 2.16 21.09
CA SER B 42 24.66 0.89 20.43
C SER B 42 23.90 0.05 21.43
N LEU B 43 23.08 -0.89 20.95
CA LEU B 43 22.36 -1.76 21.87
C LEU B 43 23.39 -2.71 22.47
N SER B 44 24.57 -2.77 21.86
CA SER B 44 25.64 -3.64 22.38
C SER B 44 26.43 -2.88 23.43
N LEU B 45 26.14 -1.60 23.59
CA LEU B 45 26.84 -0.72 24.54
C LEU B 45 25.79 0.01 25.39
N PRO B 46 25.05 -0.75 26.19
CA PRO B 46 24.01 -0.15 27.02
C PRO B 46 24.51 0.95 27.93
N LEU B 47 23.64 1.92 28.19
CA LEU B 47 23.97 3.03 29.06
C LEU B 47 24.39 2.45 30.40
N GLN B 48 25.49 2.95 30.92
CA GLN B 48 26.05 2.50 32.19
C GLN B 48 27.10 3.51 32.66
N ARG B 49 27.36 3.51 33.96
CA ARG B 49 28.32 4.41 34.58
C ARG B 49 29.61 3.63 34.75
N GLY B 50 30.66 4.07 34.08
CA GLY B 50 31.92 3.36 34.21
C GLY B 50 32.51 2.95 32.88
N ASN B 51 33.76 2.51 32.92
CA ASN B 51 34.46 2.12 31.71
C ASN B 51 33.95 0.85 31.06
N ILE B 52 33.68 0.91 29.76
CA ILE B 52 33.24 -0.28 29.04
C ILE B 52 34.48 -0.78 28.29
N THR B 53 34.85 -2.02 28.57
CA THR B 53 36.06 -2.59 27.98
C THR B 53 35.82 -3.80 27.06
N SER B 54 34.59 -4.29 27.00
CA SER B 54 34.26 -5.46 26.16
C SER B 54 34.68 -5.29 24.69
N ASP B 55 34.70 -6.40 23.96
CA ASP B 55 35.06 -6.38 22.54
C ASP B 55 34.03 -5.60 21.73
N ALA B 56 32.86 -5.39 22.34
CA ALA B 56 31.79 -4.65 21.65
C ALA B 56 32.22 -3.23 21.35
N VAL B 57 33.08 -2.64 22.18
CA VAL B 57 33.52 -1.27 21.90
C VAL B 57 34.33 -1.23 20.60
N PHE B 58 35.37 -2.05 20.52
CA PHE B 58 36.19 -2.09 19.32
C PHE B 58 35.34 -2.41 18.08
N ASN B 59 34.50 -3.43 18.19
CA ASN B 59 33.69 -3.84 17.04
C ASN B 59 32.72 -2.77 16.57
N PHE B 60 32.12 -2.05 17.51
CA PHE B 60 31.15 -1.02 17.12
C PHE B 60 31.81 0.05 16.26
N PHE B 61 32.93 0.57 16.76
CA PHE B 61 33.66 1.61 16.04
C PHE B 61 34.31 1.09 14.77
N ASP B 62 34.82 -0.14 14.79
CA ASP B 62 35.40 -0.70 13.56
C ASP B 62 34.32 -0.75 12.44
N ASN B 63 33.09 -1.05 12.84
CA ASN B 63 31.96 -1.15 11.91
C ASN B 63 31.48 0.18 11.34
N LEU B 64 32.04 1.30 11.82
CA LEU B 64 31.72 2.62 11.24
C LEU B 64 32.65 2.95 10.08
N LEU B 65 33.72 2.19 9.93
CA LEU B 65 34.72 2.45 8.89
C LEU B 65 34.54 1.63 7.63
N PRO B 66 35.15 2.09 6.53
CA PRO B 66 35.06 1.37 5.26
C PRO B 66 35.49 -0.09 5.51
N ASP B 67 34.82 -1.03 4.87
CA ASP B 67 35.14 -2.44 5.08
C ASP B 67 36.49 -2.84 4.48
N SER B 68 36.86 -2.19 3.38
CA SER B 68 38.09 -2.54 2.68
C SER B 68 39.38 -2.16 3.37
N PRO B 69 40.30 -3.13 3.55
CA PRO B 69 41.59 -2.84 4.19
C PRO B 69 42.41 -1.88 3.32
N ILE B 70 42.17 -1.97 2.01
CA ILE B 70 42.87 -1.12 1.03
C ILE B 70 42.44 0.34 1.26
N VAL B 71 41.14 0.57 1.41
CA VAL B 71 40.66 1.93 1.66
C VAL B 71 41.20 2.44 2.99
N ARG B 72 41.36 1.56 3.98
CA ARG B 72 41.91 2.00 5.25
C ARG B 72 43.38 2.43 5.06
N ASP B 73 44.12 1.75 4.18
CA ASP B 73 45.50 2.15 3.93
C ASP B 73 45.49 3.58 3.37
N ARG B 74 44.54 3.85 2.47
CA ARG B 74 44.39 5.17 1.86
C ARG B 74 44.13 6.24 2.93
N ILE B 75 43.32 5.90 3.92
CA ILE B 75 43.02 6.84 4.97
C ILE B 75 44.30 7.15 5.74
N VAL B 76 45.11 6.13 6.01
CA VAL B 76 46.33 6.35 6.76
C VAL B 76 47.26 7.30 6.00
N LYS B 77 47.39 7.08 4.70
CA LYS B 77 48.26 7.95 3.92
C LYS B 77 47.68 9.35 3.74
N ARG B 78 46.37 9.43 3.54
CA ARG B 78 45.73 10.72 3.33
C ARG B 78 45.87 11.66 4.53
N TYR B 79 45.78 11.12 5.74
CA TYR B 79 45.87 11.96 6.91
C TYR B 79 47.06 11.64 7.82
N HIS B 80 47.99 10.83 7.33
CA HIS B 80 49.15 10.44 8.12
C HIS B 80 48.67 9.99 9.50
N ALA B 81 47.73 9.05 9.50
CA ALA B 81 47.18 8.50 10.74
C ALA B 81 48.23 7.73 11.50
N LYS B 82 48.17 7.81 12.83
CA LYS B 82 49.13 7.13 13.69
C LYS B 82 49.19 5.62 13.47
N SER B 83 48.09 5.03 13.03
CA SER B 83 48.03 3.59 12.77
C SER B 83 46.75 3.28 12.02
N ARG B 84 46.53 2.00 11.75
CA ARG B 84 45.33 1.58 11.04
C ARG B 84 44.20 1.17 12.00
N GLN B 85 44.44 1.29 13.30
CA GLN B 85 43.41 0.91 14.27
C GLN B 85 42.21 1.84 14.16
N PRO B 86 41.01 1.37 14.53
CA PRO B 86 39.80 2.19 14.44
C PRO B 86 39.95 3.55 15.10
N PHE B 87 40.42 3.60 16.34
CA PHE B 87 40.59 4.88 17.04
C PHE B 87 41.35 5.90 16.20
N ASP B 88 42.48 5.46 15.65
CA ASP B 88 43.31 6.34 14.85
C ASP B 88 42.70 6.76 13.54
N LEU B 89 41.95 5.88 12.90
CA LEU B 89 41.31 6.28 11.65
C LEU B 89 40.13 7.22 11.93
N LEU B 90 39.33 6.89 12.92
CA LEU B 90 38.19 7.72 13.24
C LEU B 90 38.62 9.08 13.80
N SER B 91 39.82 9.14 14.38
CA SER B 91 40.32 10.41 14.90
C SER B 91 40.48 11.40 13.74
N GLU B 92 40.68 10.88 12.54
CA GLU B 92 40.84 11.74 11.38
C GLU B 92 39.56 11.95 10.57
N ILE B 93 38.73 10.90 10.44
CA ILE B 93 37.54 11.03 9.60
C ILE B 93 36.18 10.73 10.24
N GLY B 94 36.16 10.54 11.56
CA GLY B 94 34.91 10.21 12.24
C GLY B 94 33.93 11.32 12.55
N ARG B 95 34.15 12.51 12.00
CA ARG B 95 33.26 13.62 12.26
C ARG B 95 31.85 13.38 11.74
N ASP B 96 31.74 12.72 10.59
CA ASP B 96 30.45 12.39 9.96
C ASP B 96 30.48 10.90 9.65
N SER B 97 29.75 10.10 10.43
CA SER B 97 29.69 8.65 10.24
C SER B 97 28.21 8.29 10.08
N VAL B 98 27.95 7.04 9.73
CA VAL B 98 26.56 6.59 9.62
C VAL B 98 25.92 6.69 10.98
N GLY B 99 24.69 7.18 11.03
CA GLY B 99 24.00 7.33 12.30
C GLY B 99 24.22 8.72 12.85
N ALA B 100 24.29 8.85 14.18
CA ALA B 100 24.45 10.18 14.74
C ALA B 100 25.73 10.47 15.52
N VAL B 101 26.69 9.55 15.47
CA VAL B 101 27.91 9.77 16.25
C VAL B 101 28.92 10.62 15.51
N THR B 102 29.31 11.70 16.17
CA THR B 102 30.28 12.65 15.65
C THR B 102 31.47 12.52 16.58
N LEU B 103 32.60 12.12 16.01
CA LEU B 103 33.82 11.90 16.78
C LEU B 103 34.84 13.00 16.52
N ILE B 104 35.25 13.68 17.60
CA ILE B 104 36.19 14.80 17.52
C ILE B 104 37.26 14.67 18.62
N PRO B 105 38.54 14.73 18.22
CA PRO B 105 39.66 14.63 19.16
C PRO B 105 39.49 15.62 20.29
N GLU B 106 39.92 15.21 21.46
CA GLU B 106 39.81 16.02 22.66
C GLU B 106 40.66 17.28 22.58
N ASP B 107 41.90 17.14 22.10
CA ASP B 107 42.80 18.28 22.01
C ASP B 107 42.53 19.15 20.79
N GLU B 108 41.27 19.16 20.34
CA GLU B 108 40.93 19.99 19.21
C GLU B 108 40.47 21.34 19.70
N THR B 109 41.12 22.38 19.19
CA THR B 109 40.84 23.76 19.58
C THR B 109 40.26 24.56 18.42
N VAL B 110 39.57 23.88 17.52
CA VAL B 110 38.98 24.53 16.37
C VAL B 110 37.48 24.71 16.58
N THR B 111 36.94 25.77 15.99
CA THR B 111 35.51 26.04 16.08
C THR B 111 34.87 25.58 14.76
N HIS B 112 34.13 24.49 14.81
CA HIS B 112 33.51 23.95 13.61
C HIS B 112 32.15 24.54 13.28
N PRO B 113 31.98 25.03 12.04
CA PRO B 113 30.67 25.59 11.67
C PRO B 113 29.64 24.47 11.75
N ILE B 114 28.38 24.82 12.01
CA ILE B 114 27.32 23.81 12.14
C ILE B 114 26.45 23.63 10.89
N ALA B 116 27.26 24.91 7.13
CA ALA B 116 28.02 25.62 6.12
C ALA B 116 28.52 24.58 5.13
N TRP B 117 28.76 25.00 3.90
CA TRP B 117 29.20 24.08 2.87
C TRP B 117 29.81 24.81 1.70
N GLU B 118 30.34 24.04 0.76
CA GLU B 118 30.93 24.62 -0.43
C GLU B 118 30.42 23.88 -1.65
N LYS B 119 29.77 24.60 -2.56
CA LYS B 119 29.24 24.01 -3.77
C LYS B 119 30.35 23.49 -4.67
N LEU B 120 30.14 22.32 -5.25
CA LEU B 120 31.11 21.74 -6.17
C LEU B 120 30.67 21.98 -7.62
N THR B 121 31.58 22.41 -8.47
CA THR B 121 31.24 22.59 -9.87
C THR B 121 31.19 21.17 -10.43
N GLU B 122 30.64 20.98 -11.61
CA GLU B 122 30.57 19.64 -12.18
C GLU B 122 31.97 19.07 -12.32
N ALA B 123 32.95 19.95 -12.54
CA ALA B 123 34.34 19.53 -12.70
C ALA B 123 34.98 19.11 -11.38
N ARG B 124 34.65 19.84 -10.33
CA ARG B 124 35.20 19.55 -9.00
C ARG B 124 34.53 18.29 -8.50
N LEU B 125 33.26 18.10 -8.88
CA LEU B 125 32.52 16.91 -8.49
C LEU B 125 33.26 15.74 -9.13
N GLU B 126 33.65 15.90 -10.39
CA GLU B 126 34.35 14.83 -11.07
C GLU B 126 35.63 14.46 -10.35
N GLU B 127 36.35 15.46 -9.83
CA GLU B 127 37.58 15.15 -9.13
C GLU B 127 37.25 14.27 -7.91
N VAL B 128 36.18 14.61 -7.22
CA VAL B 128 35.78 13.84 -6.03
C VAL B 128 35.31 12.43 -6.39
N LEU B 129 34.51 12.30 -7.44
CA LEU B 129 34.00 11.00 -7.82
C LEU B 129 35.01 10.07 -8.51
N THR B 130 36.19 10.57 -8.84
CA THR B 130 37.20 9.73 -9.47
C THR B 130 38.47 9.68 -8.62
N ALA B 131 38.38 10.19 -7.39
CA ALA B 131 39.54 10.25 -6.50
C ALA B 131 40.14 8.89 -6.15
N TYR B 132 39.36 7.83 -6.31
CA TYR B 132 39.86 6.49 -6.01
C TYR B 132 41.05 6.21 -6.91
N LYS B 133 41.07 6.86 -8.07
CA LYS B 133 42.17 6.68 -9.03
C LYS B 133 43.46 7.23 -8.48
N ALA B 134 43.36 8.16 -7.53
CA ALA B 134 44.55 8.76 -6.93
C ALA B 134 44.75 8.22 -5.52
N ASP B 135 44.27 7.01 -5.28
CA ASP B 135 44.39 6.35 -3.97
C ASP B 135 43.80 7.18 -2.85
N ILE B 136 42.75 7.91 -3.17
CA ILE B 136 42.06 8.75 -2.18
C ILE B 136 40.90 7.95 -1.59
N PRO B 137 40.70 8.04 -0.26
CA PRO B 137 39.62 7.32 0.42
C PRO B 137 38.34 8.16 0.45
N LEU B 138 37.20 7.55 0.14
CA LEU B 138 35.89 8.19 0.22
C LEU B 138 35.77 9.59 -0.36
N GLY B 139 36.42 9.81 -1.51
CA GLY B 139 36.35 11.11 -2.18
C GLY B 139 37.01 12.28 -1.47
N ILE B 141 39.57 14.22 -1.35
CA ILE B 141 40.71 14.71 -2.10
C ILE B 141 41.62 15.61 -1.25
N ARG B 142 42.91 15.60 -1.60
CA ARG B 142 43.91 16.38 -0.86
C ARG B 142 43.66 17.87 -0.87
N GLU B 143 42.90 18.34 -1.86
CA GLU B 143 42.55 19.74 -1.99
C GLU B 143 41.65 20.24 -0.83
N GLU B 144 40.93 19.32 -0.17
CA GLU B 144 40.02 19.67 0.93
C GLU B 144 40.45 19.23 2.32
N ASN B 145 40.70 20.18 3.22
CA ASN B 145 41.12 19.81 4.58
C ASN B 145 39.98 19.70 5.59
N ASP B 146 38.75 19.94 5.14
CA ASP B 146 37.59 19.87 6.04
C ASP B 146 36.51 19.00 5.43
N PHE B 147 36.92 17.84 4.94
CA PHE B 147 35.99 16.90 4.34
C PHE B 147 36.31 15.61 5.09
N ARG B 148 35.65 15.42 6.22
CA ARG B 148 35.92 14.27 7.07
C ARG B 148 34.69 13.40 7.27
N ILE B 149 34.64 12.33 6.50
CA ILE B 149 33.50 11.39 6.55
C ILE B 149 33.96 9.95 6.66
N SER B 150 33.07 9.10 7.14
CA SER B 150 33.33 7.68 7.20
C SER B 150 32.01 6.97 6.87
N VAL B 151 32.05 6.02 5.95
CA VAL B 151 30.85 5.23 5.63
C VAL B 151 31.37 3.84 5.44
N ALA B 152 30.69 2.86 6.03
CA ALA B 152 31.15 1.48 5.92
C ALA B 152 30.78 0.87 4.57
N GLY B 153 31.04 -0.43 4.41
CA GLY B 153 30.74 -1.11 3.16
C GLY B 153 31.97 -1.27 2.28
N ALA B 154 31.98 -2.29 1.43
CA ALA B 154 33.10 -2.54 0.51
C ALA B 154 33.10 -1.74 -0.79
N GLN B 155 31.94 -1.21 -1.20
CA GLN B 155 31.89 -0.50 -2.49
C GLN B 155 32.53 0.90 -2.45
N GLU B 156 33.30 1.23 -3.49
CA GLU B 156 33.91 2.55 -3.55
C GLU B 156 32.76 3.56 -3.44
N LYS B 157 32.93 4.61 -2.65
CA LYS B 157 31.84 5.55 -2.50
C LYS B 157 32.32 6.84 -1.84
N THR B 158 31.40 7.78 -1.67
CA THR B 158 31.70 9.00 -0.93
C THR B 158 30.36 9.46 -0.33
N ALA B 159 30.35 10.61 0.33
CA ALA B 159 29.07 11.11 0.87
C ALA B 159 29.15 12.62 0.72
N LEU B 160 28.05 13.24 0.30
CA LEU B 160 28.04 14.66 0.06
C LEU B 160 26.75 15.25 0.57
N LEU B 161 26.74 16.58 0.63
CA LEU B 161 25.57 17.32 1.07
C LEU B 161 24.90 17.91 -0.19
N ARG B 162 23.60 17.69 -0.34
CA ARG B 162 22.87 18.23 -1.48
C ARG B 162 22.13 19.49 -1.03
N ILE B 163 22.38 20.60 -1.71
CA ILE B 163 21.69 21.86 -1.40
C ILE B 163 21.07 22.23 -2.74
N GLY B 164 19.75 22.16 -2.83
CA GLY B 164 19.07 22.41 -4.10
C GLY B 164 19.48 21.33 -5.08
N ASN B 165 19.95 21.74 -6.24
CA ASN B 165 20.40 20.81 -7.24
C ASN B 165 21.93 20.74 -7.26
N ASP B 166 22.59 21.27 -6.22
CA ASP B 166 24.05 21.27 -6.14
C ASP B 166 24.62 20.25 -5.15
N TRP B 167 25.72 19.63 -5.54
CA TRP B 167 26.43 18.70 -4.65
C TRP B 167 27.48 19.53 -3.96
N CYS B 168 27.58 19.38 -2.65
CA CYS B 168 28.49 20.21 -1.87
C CYS B 168 29.29 19.44 -0.84
N ILE B 169 30.44 20.00 -0.47
CA ILE B 169 31.25 19.41 0.57
C ILE B 169 30.85 20.17 1.83
N PRO B 170 30.33 19.46 2.84
CA PRO B 170 29.94 20.17 4.06
C PRO B 170 31.14 20.60 4.86
N LYS B 171 31.00 21.67 5.63
CA LYS B 171 32.11 22.14 6.44
C LYS B 171 31.84 21.97 7.93
N GLY B 172 32.91 21.82 8.70
CA GLY B 172 32.77 21.67 10.14
C GLY B 172 31.98 20.44 10.55
N ILE B 173 30.94 20.63 11.34
CA ILE B 173 30.12 19.49 11.76
C ILE B 173 28.83 19.37 10.96
N THR B 174 28.77 20.06 9.81
CA THR B 174 27.60 20.00 8.94
C THR B 174 27.58 18.59 8.36
N PRO B 175 26.41 17.93 8.42
CA PRO B 175 26.26 16.57 7.92
C PRO B 175 26.11 16.45 6.41
N THR B 176 26.35 15.24 5.90
CA THR B 176 26.13 14.93 4.50
C THR B 176 24.69 14.42 4.42
N THR B 177 24.11 14.39 3.23
CA THR B 177 22.73 13.95 3.07
C THR B 177 22.59 12.76 2.14
N HIS B 178 23.65 12.43 1.43
CA HIS B 178 23.59 11.34 0.45
C HIS B 178 24.83 10.49 0.45
N ILE B 179 24.64 9.20 0.22
CA ILE B 179 25.78 8.30 0.08
C ILE B 179 25.86 8.07 -1.42
N ILE B 180 27.04 8.37 -2.00
CA ILE B 180 27.26 8.28 -3.44
C ILE B 180 28.09 7.06 -3.73
N LYS B 181 27.49 6.11 -4.44
CA LYS B 181 28.15 4.83 -4.74
C LYS B 181 28.75 4.87 -6.14
N LEU B 182 29.96 4.35 -6.27
CA LEU B 182 30.67 4.35 -7.55
C LEU B 182 30.73 2.95 -8.15
N PRO B 183 30.91 2.85 -9.48
CA PRO B 183 30.98 1.58 -10.21
C PRO B 183 31.90 0.56 -9.54
N GLN B 198 28.82 -1.86 -13.65
CA GLN B 198 27.40 -1.82 -13.96
C GLN B 198 26.57 -1.82 -12.67
N SER B 199 27.26 -1.87 -11.53
CA SER B 199 26.59 -1.88 -10.23
C SER B 199 25.73 -0.66 -9.97
N VAL B 200 26.07 0.47 -10.57
CA VAL B 200 25.28 1.67 -10.36
C VAL B 200 23.91 1.52 -11.00
N ASP B 201 23.87 1.05 -12.24
CA ASP B 201 22.61 0.85 -12.93
C ASP B 201 21.82 -0.30 -12.30
N ASN B 202 22.54 -1.34 -11.90
CA ASN B 202 21.92 -2.52 -11.29
C ASN B 202 21.19 -2.07 -10.01
N GLU B 203 21.91 -1.42 -9.11
CA GLU B 203 21.28 -0.98 -7.86
C GLU B 203 20.17 0.05 -8.09
N TYR B 204 20.35 0.95 -9.05
CA TYR B 204 19.32 1.94 -9.35
C TYR B 204 18.02 1.20 -9.68
N TYR B 205 18.13 0.22 -10.55
CA TYR B 205 16.98 -0.55 -10.98
C TYR B 205 16.35 -1.33 -9.84
N CYS B 206 17.16 -1.99 -9.03
CA CYS B 206 16.61 -2.76 -7.93
C CYS B 206 15.91 -1.88 -6.90
N LEU B 207 16.47 -0.70 -6.60
CA LEU B 207 15.81 0.20 -5.66
C LEU B 207 14.46 0.67 -6.21
N LEU B 208 14.40 0.97 -7.51
CA LEU B 208 13.14 1.39 -8.12
C LEU B 208 12.12 0.25 -8.07
N LEU B 209 12.56 -0.99 -8.32
CA LEU B 209 11.65 -2.12 -8.26
C LEU B 209 11.16 -2.33 -6.83
N ALA B 210 12.06 -2.17 -5.84
CA ALA B 210 11.65 -2.37 -4.45
C ALA B 210 10.56 -1.35 -4.10
N LYS B 211 10.77 -0.11 -4.51
CA LYS B 211 9.81 0.96 -4.23
C LYS B 211 8.47 0.67 -4.92
N GLU B 212 8.54 0.24 -6.18
CA GLU B 212 7.33 -0.07 -6.95
C GLU B 212 6.52 -1.18 -6.28
N LEU B 213 7.19 -2.14 -5.64
CA LEU B 213 6.51 -3.22 -4.95
C LEU B 213 6.14 -2.89 -3.51
N GLY B 214 6.30 -1.62 -3.16
CA GLY B 214 5.93 -1.13 -1.84
C GLY B 214 6.88 -1.28 -0.68
N LEU B 215 8.10 -1.72 -0.94
CA LEU B 215 9.08 -1.89 0.12
C LEU B 215 9.66 -0.54 0.52
N ASN B 216 10.10 -0.50 1.76
CA ASN B 216 10.68 0.70 2.34
C ASN B 216 12.17 0.75 1.97
N VAL B 217 12.51 1.60 1.01
CA VAL B 217 13.89 1.77 0.56
C VAL B 217 14.10 3.24 0.28
N PRO B 218 15.38 3.68 0.26
CA PRO B 218 15.65 5.08 -0.01
C PRO B 218 15.49 5.41 -1.48
N ASP B 219 15.19 6.67 -1.76
CA ASP B 219 15.13 7.13 -3.13
C ASP B 219 16.57 7.29 -3.57
N ALA B 220 16.84 7.04 -4.84
CA ALA B 220 18.18 7.19 -5.39
C ALA B 220 18.11 7.73 -6.78
N GLU B 221 19.18 8.36 -7.21
CA GLU B 221 19.19 8.91 -8.57
C GLU B 221 20.58 8.74 -9.16
N ILE B 222 20.64 8.57 -10.48
CA ILE B 222 21.92 8.41 -11.13
C ILE B 222 22.46 9.80 -11.36
N ILE B 223 23.67 10.08 -10.90
CA ILE B 223 24.24 11.40 -11.18
C ILE B 223 25.41 11.29 -12.15
N LYS B 224 25.60 12.33 -12.93
CA LYS B 224 26.66 12.35 -13.92
C LYS B 224 27.56 13.55 -13.69
N ALA B 225 28.86 13.32 -13.82
CA ALA B 225 29.85 14.36 -13.65
C ALA B 225 30.97 14.00 -14.60
N GLY B 226 30.99 14.64 -15.77
CA GLY B 226 32.02 14.32 -16.73
C GLY B 226 31.67 12.96 -17.33
N ASN B 227 32.59 12.02 -17.24
CA ASN B 227 32.35 10.68 -17.79
C ASN B 227 32.04 9.66 -16.70
N VAL B 228 31.65 10.13 -15.53
CA VAL B 228 31.34 9.22 -14.43
C VAL B 228 29.84 9.15 -14.18
N ARG B 229 29.34 7.95 -13.89
CA ARG B 229 27.93 7.72 -13.62
C ARG B 229 27.90 7.11 -12.23
N ALA B 230 27.38 7.85 -11.25
CA ALA B 230 27.35 7.36 -9.87
C ALA B 230 25.93 7.29 -9.34
N LEU B 231 25.76 6.59 -8.22
CA LEU B 231 24.43 6.47 -7.63
C LEU B 231 24.33 7.27 -6.33
N ALA B 232 23.46 8.28 -6.33
CA ALA B 232 23.28 9.10 -5.14
C ALA B 232 22.05 8.58 -4.37
N VAL B 233 22.32 7.98 -3.20
CA VAL B 233 21.27 7.43 -2.37
C VAL B 233 20.91 8.37 -1.21
N GLU B 234 19.64 8.74 -1.08
CA GLU B 234 19.21 9.63 0.01
C GLU B 234 19.38 8.94 1.35
N ARG B 235 20.07 9.61 2.28
CA ARG B 235 20.31 9.05 3.61
C ARG B 235 19.07 9.14 4.51
N PHE B 236 18.74 8.03 5.15
CA PHE B 236 17.61 8.02 6.08
C PHE B 236 18.09 8.21 7.51
N ASP B 237 19.40 8.43 7.70
CA ASP B 237 19.92 8.73 9.03
C ASP B 237 20.12 10.25 9.10
N ARG B 238 19.39 10.98 8.26
CA ARG B 238 19.48 12.44 8.27
C ARG B 238 18.09 13.02 7.99
N ARG B 239 17.78 14.15 8.63
CA ARG B 239 16.49 14.76 8.39
C ARG B 239 16.55 16.26 8.55
N TRP B 240 16.09 17.01 7.54
CA TRP B 240 16.08 18.47 7.73
C TRP B 240 14.94 18.83 8.69
N ASN B 241 15.11 19.89 9.46
CA ASN B 241 14.01 20.31 10.32
C ASN B 241 13.07 21.11 9.41
N ALA B 242 11.89 21.43 9.91
CA ALA B 242 10.91 22.12 9.08
C ALA B 242 11.39 23.41 8.44
N GLU B 243 12.10 24.22 9.21
CA GLU B 243 12.62 25.50 8.72
C GLU B 243 13.88 25.44 7.91
N ARG B 244 14.42 24.22 7.78
CA ARG B 244 15.65 24.00 7.02
C ARG B 244 16.84 24.77 7.56
N THR B 245 16.89 24.93 8.87
CA THR B 245 17.99 25.61 9.51
C THR B 245 18.92 24.60 10.17
N VAL B 246 18.44 23.36 10.33
CA VAL B 246 19.24 22.31 10.97
C VAL B 246 19.07 20.98 10.24
N LEU B 247 20.17 20.31 9.93
CA LEU B 247 20.11 19.00 9.29
C LEU B 247 20.46 18.05 10.43
N LEU B 248 19.44 17.37 10.98
CA LEU B 248 19.66 16.48 12.09
C LEU B 248 20.20 15.11 11.71
N ARG B 249 20.99 14.55 12.62
CA ARG B 249 21.51 13.19 12.44
C ARG B 249 20.64 12.27 13.29
N LEU B 250 20.32 11.10 12.76
CA LEU B 250 19.46 10.14 13.47
C LEU B 250 20.26 8.89 13.88
N PRO B 251 20.26 8.54 15.20
CA PRO B 251 20.97 7.38 15.74
C PRO B 251 20.56 6.11 14.98
N GLN B 252 21.57 5.34 14.59
CA GLN B 252 21.33 4.14 13.78
C GLN B 252 22.50 3.19 13.90
N GLU B 253 22.22 1.90 13.82
CA GLU B 253 23.30 0.92 13.79
C GLU B 253 22.95 -0.29 12.98
N ASP B 254 23.95 -0.97 12.44
CA ASP B 254 23.67 -2.16 11.65
C ASP B 254 23.56 -3.39 12.56
N CYS B 256 25.42 -6.11 12.74
CA CYS B 256 26.65 -6.58 13.40
C CYS B 256 26.87 -5.75 14.66
N GLN B 257 26.67 -4.44 14.54
CA GLN B 257 26.85 -3.54 15.68
C GLN B 257 25.86 -3.86 16.80
N THR B 258 24.59 -4.06 16.45
CA THR B 258 23.62 -4.33 17.48
C THR B 258 23.90 -5.63 18.25
N PHE B 259 24.52 -6.59 17.57
CA PHE B 259 24.85 -7.87 18.20
C PHE B 259 26.30 -7.88 18.73
N GLY B 260 27.00 -6.75 18.62
CA GLY B 260 28.39 -6.67 19.10
C GLY B 260 29.40 -7.52 18.30
N LEU B 261 29.10 -7.79 17.03
CA LEU B 261 29.94 -8.64 16.20
C LEU B 261 30.83 -7.87 15.24
N PRO B 262 31.95 -8.48 14.83
CA PRO B 262 32.86 -7.85 13.89
C PRO B 262 32.28 -8.01 12.47
N SER B 263 32.63 -7.10 11.55
CA SER B 263 32.11 -7.19 10.20
C SER B 263 32.52 -8.50 9.51
N SER B 264 33.60 -9.14 9.98
CA SER B 264 34.06 -10.38 9.37
C SER B 264 33.04 -11.54 9.40
N VAL B 265 32.06 -11.46 10.29
CA VAL B 265 31.06 -12.51 10.36
C VAL B 265 29.70 -11.98 9.91
N LYS B 266 29.68 -10.99 9.02
CA LYS B 266 28.39 -10.47 8.60
C LYS B 266 27.57 -11.49 7.82
N TYR B 267 28.24 -12.44 7.14
CA TYR B 267 27.54 -13.48 6.39
C TYR B 267 27.22 -14.69 7.23
N GLU B 268 26.01 -15.23 7.06
CA GLU B 268 25.57 -16.41 7.77
C GLU B 268 26.51 -17.58 7.47
N SER B 269 26.95 -17.71 6.22
CA SER B 269 27.85 -18.80 5.82
C SER B 269 29.20 -18.71 6.53
N ASP B 270 29.49 -17.57 7.15
CA ASP B 270 30.73 -17.40 7.88
C ASP B 270 30.45 -17.39 9.37
N GLY B 271 29.28 -17.89 9.77
CA GLY B 271 28.90 -17.92 11.18
C GLY B 271 28.14 -16.72 11.69
N GLY B 272 27.68 -15.86 10.77
CA GLY B 272 26.95 -14.67 11.18
C GLY B 272 25.47 -14.89 11.39
N PRO B 273 24.73 -13.84 11.76
CA PRO B 273 23.29 -14.00 11.98
C PRO B 273 22.47 -14.27 10.73
N GLY B 274 21.38 -15.00 10.93
CA GLY B 274 20.47 -15.33 9.84
C GLY B 274 19.09 -14.82 10.15
N ILE B 275 18.13 -15.31 9.39
CA ILE B 275 16.76 -14.87 9.58
C ILE B 275 16.24 -15.15 10.99
N ALA B 276 16.57 -16.32 11.54
CA ALA B 276 16.07 -16.65 12.88
C ALA B 276 16.54 -15.65 13.92
N ARG B 277 17.84 -15.36 13.93
CA ARG B 277 18.38 -14.41 14.92
C ARG B 277 17.77 -13.02 14.78
N ILE B 278 17.67 -12.53 13.55
CA ILE B 278 17.10 -11.21 13.37
C ILE B 278 15.61 -11.18 13.67
N ALA B 280 14.03 -12.99 15.80
CA ALA B 280 13.90 -13.06 17.27
C ALA B 280 14.18 -11.66 17.85
N PHE B 281 15.19 -10.99 17.29
CA PHE B 281 15.58 -9.66 17.71
C PHE B 281 14.47 -8.66 17.40
N LEU B 282 13.83 -8.80 16.24
CA LEU B 282 12.76 -7.88 15.89
C LEU B 282 11.51 -8.08 16.76
N GLY B 284 11.56 -7.72 19.60
CA GLY B 284 11.78 -6.66 20.58
C GLY B 284 11.72 -5.25 20.03
N SER B 285 11.38 -5.12 18.75
CA SER B 285 11.29 -3.81 18.11
C SER B 285 10.05 -3.06 18.61
N SER B 286 10.10 -1.73 18.54
CA SER B 286 8.95 -0.90 18.93
C SER B 286 7.84 -1.05 17.89
N GLU B 287 8.20 -1.63 16.73
CA GLU B 287 7.25 -1.93 15.67
C GLU B 287 7.48 -3.41 15.35
N ALA B 288 7.39 -4.29 16.34
CA ALA B 288 7.66 -5.71 16.13
C ALA B 288 6.90 -6.38 14.99
N LEU B 289 5.58 -6.27 15.02
CA LEU B 289 4.80 -6.96 13.99
C LEU B 289 5.04 -6.44 12.57
N LYS B 290 5.14 -5.12 12.41
CA LYS B 290 5.35 -4.59 11.07
C LYS B 290 6.79 -4.87 10.61
N ASP B 291 7.75 -4.75 11.53
CA ASP B 291 9.16 -5.02 11.18
C ASP B 291 9.36 -6.48 10.78
N ARG B 292 8.76 -7.43 11.50
CA ARG B 292 8.89 -8.83 11.16
C ARG B 292 8.23 -9.10 9.81
N TYR B 293 7.08 -8.48 9.55
CA TYR B 293 6.38 -8.67 8.28
C TYR B 293 7.24 -8.13 7.13
N ASP B 294 7.77 -6.92 7.32
CA ASP B 294 8.61 -6.30 6.29
C ASP B 294 9.89 -7.06 6.03
N PHE B 295 10.48 -7.60 7.08
CA PHE B 295 11.74 -8.34 6.94
C PHE B 295 11.51 -9.62 6.15
N LYS B 297 9.03 -10.13 4.09
CA LYS B 297 8.68 -9.73 2.72
C LYS B 297 9.97 -9.46 1.91
N PHE B 298 10.94 -8.82 2.56
CA PHE B 298 12.21 -8.53 1.90
C PHE B 298 12.95 -9.80 1.57
N GLN B 299 12.80 -10.87 2.37
CA GLN B 299 13.49 -12.13 2.00
C GLN B 299 12.92 -12.68 0.69
N VAL B 300 11.60 -12.61 0.55
CA VAL B 300 10.97 -13.10 -0.68
C VAL B 300 11.43 -12.23 -1.85
N PHE B 301 11.47 -10.93 -1.63
CA PHE B 301 11.91 -10.00 -2.66
C PHE B 301 13.34 -10.32 -3.10
N GLN B 302 14.23 -10.54 -2.15
CA GLN B 302 15.63 -10.83 -2.53
C GLN B 302 15.74 -12.07 -3.35
N TRP B 303 14.97 -13.09 -3.00
CA TRP B 303 14.94 -14.34 -3.74
C TRP B 303 14.49 -14.04 -5.17
N LEU B 304 13.36 -13.34 -5.31
CA LEU B 304 12.83 -13.03 -6.65
C LEU B 304 13.83 -12.27 -7.52
N ILE B 305 14.54 -11.30 -6.96
CA ILE B 305 15.45 -10.52 -7.78
C ILE B 305 16.91 -10.97 -7.76
N GLY B 306 17.17 -12.14 -7.19
CA GLY B 306 18.54 -12.66 -7.16
C GLY B 306 19.54 -11.81 -6.39
N ALA B 307 19.05 -11.22 -5.30
CA ALA B 307 19.88 -10.36 -4.45
C ALA B 307 20.57 -11.27 -3.44
N THR B 308 21.83 -11.59 -3.71
CA THR B 308 22.65 -12.50 -2.94
C THR B 308 23.50 -11.93 -1.81
N GLN B 309 23.41 -10.62 -1.58
CA GLN B 309 24.26 -10.01 -0.57
C GLN B 309 23.53 -9.38 0.59
N GLY B 310 22.42 -9.99 0.97
CA GLY B 310 21.64 -9.50 2.08
C GLY B 310 22.23 -9.97 3.41
N HIS B 311 23.49 -9.64 3.67
CA HIS B 311 24.15 -10.03 4.93
C HIS B 311 23.75 -9.11 6.08
N ALA B 312 24.24 -9.40 7.28
CA ALA B 312 23.87 -8.64 8.46
C ALA B 312 24.15 -7.14 8.47
N LYS B 313 25.21 -6.67 7.81
CA LYS B 313 25.46 -5.24 7.84
C LYS B 313 24.53 -4.49 6.89
N ASN B 314 23.78 -5.24 6.05
CA ASN B 314 22.84 -4.61 5.15
C ASN B 314 21.44 -4.42 5.73
N PHE B 315 21.32 -4.58 7.05
CA PHE B 315 20.07 -4.29 7.77
C PHE B 315 20.46 -3.49 8.99
N SER B 316 19.68 -2.45 9.32
CA SER B 316 19.98 -1.60 10.45
C SER B 316 18.72 -1.25 11.22
N VAL B 317 18.93 -0.67 12.41
CA VAL B 317 17.81 -0.24 13.23
C VAL B 317 18.10 1.18 13.68
N PHE B 318 17.03 1.93 13.88
CA PHE B 318 17.15 3.28 14.44
C PHE B 318 17.13 3.07 15.95
N ILE B 319 17.95 3.83 16.68
CA ILE B 319 17.94 3.73 18.14
C ILE B 319 17.12 4.94 18.55
N GLN B 320 16.02 4.68 19.25
CA GLN B 320 15.08 5.70 19.64
C GLN B 320 15.20 6.14 21.08
N ALA B 321 14.41 7.17 21.44
CA ALA B 321 14.43 7.68 22.80
C ALA B 321 14.23 6.50 23.74
N GLY B 322 14.97 6.51 24.85
CA GLY B 322 14.84 5.44 25.82
C GLY B 322 15.60 4.18 25.50
N GLY B 323 16.14 4.08 24.30
CA GLY B 323 16.87 2.88 23.95
C GLY B 323 16.03 1.89 23.16
N SER B 324 14.81 2.26 22.79
CA SER B 324 13.98 1.36 21.99
C SER B 324 14.53 1.37 20.56
N TYR B 325 14.09 0.44 19.72
CA TYR B 325 14.61 0.40 18.35
C TYR B 325 13.58 -0.06 17.35
N ARG B 326 13.86 0.20 16.07
CA ARG B 326 12.95 -0.17 15.00
C ARG B 326 13.79 -0.33 13.73
N LEU B 327 13.32 -1.16 12.82
CA LEU B 327 14.09 -1.37 11.58
C LEU B 327 14.14 -0.11 10.71
N THR B 328 15.29 0.13 10.08
CA THR B 328 15.41 1.26 9.14
C THR B 328 15.01 0.72 7.77
N PRO B 329 14.94 1.58 6.75
CA PRO B 329 14.59 1.05 5.42
C PRO B 329 15.70 0.08 4.98
N PHE B 330 15.41 -0.70 3.94
CA PHE B 330 16.36 -1.63 3.39
C PHE B 330 17.27 -0.83 2.43
N TYR B 331 18.45 -1.36 2.15
CA TYR B 331 19.41 -0.67 1.30
C TYR B 331 20.46 -1.65 0.76
N ASP B 332 21.32 -1.16 -0.13
CA ASP B 332 22.37 -1.93 -0.78
C ASP B 332 21.76 -3.15 -1.44
N ILE B 333 21.01 -2.89 -2.50
CA ILE B 333 20.28 -3.95 -3.17
C ILE B 333 20.82 -4.13 -4.59
N ILE B 334 21.54 -5.23 -4.81
CA ILE B 334 22.13 -5.53 -6.10
C ILE B 334 21.73 -6.94 -6.52
N SER B 335 21.31 -7.07 -7.77
CA SER B 335 20.91 -8.37 -8.30
C SER B 335 22.12 -9.06 -8.90
N ALA B 336 22.21 -10.39 -8.71
CA ALA B 336 23.30 -11.13 -9.33
C ALA B 336 22.91 -11.61 -10.75
N PHE B 337 21.66 -11.40 -11.14
CA PHE B 337 21.20 -11.88 -12.46
C PHE B 337 22.02 -11.27 -13.61
N PRO B 338 22.32 -9.95 -13.55
CA PRO B 338 23.13 -9.34 -14.64
C PRO B 338 24.57 -9.85 -14.73
N VAL B 339 25.04 -10.51 -13.67
CA VAL B 339 26.39 -11.04 -13.62
C VAL B 339 26.50 -12.48 -14.14
N LEU B 340 25.36 -13.14 -14.31
CA LEU B 340 25.37 -14.51 -14.82
C LEU B 340 26.03 -14.60 -16.20
N GLY B 341 26.73 -15.73 -16.40
CA GLY B 341 27.35 -16.01 -17.68
C GLY B 341 28.68 -15.37 -18.03
N GLY B 342 28.83 -14.08 -17.74
CA GLY B 342 30.07 -13.37 -18.05
C GLY B 342 31.36 -14.02 -17.59
N THR B 343 31.31 -14.72 -16.46
CA THR B 343 32.49 -15.39 -15.95
C THR B 343 32.19 -16.85 -15.61
N GLY B 344 31.13 -17.37 -16.23
CA GLY B 344 30.78 -18.76 -15.99
C GLY B 344 29.83 -19.03 -14.83
N ILE B 345 29.36 -18.00 -14.13
CA ILE B 345 28.43 -18.23 -13.00
C ILE B 345 27.04 -18.51 -13.60
N HIS B 346 26.36 -19.55 -13.12
CA HIS B 346 25.04 -19.93 -13.64
C HIS B 346 23.96 -19.68 -12.61
N ILE B 347 22.70 -19.60 -13.05
CA ILE B 347 21.59 -19.37 -12.10
C ILE B 347 21.61 -20.40 -10.97
N SER B 348 22.03 -21.63 -11.26
CA SER B 348 22.08 -22.68 -10.24
C SER B 348 23.11 -22.45 -9.15
N ASP B 349 24.01 -21.49 -9.36
CA ASP B 349 25.07 -21.19 -8.40
C ASP B 349 24.70 -20.11 -7.40
N LEU B 350 23.65 -19.34 -7.71
CA LEU B 350 23.31 -18.20 -6.86
C LEU B 350 22.76 -18.61 -5.51
N LYS B 351 23.28 -17.98 -4.45
CA LYS B 351 22.82 -18.32 -3.13
C LYS B 351 22.45 -17.09 -2.32
N LEU B 352 21.34 -17.17 -1.61
CA LEU B 352 20.96 -16.06 -0.74
C LEU B 352 21.93 -16.02 0.45
N ALA B 353 22.15 -14.82 0.97
CA ALA B 353 23.02 -14.63 2.13
C ALA B 353 22.45 -15.32 3.38
N GLY B 355 19.79 -18.26 4.60
CA GLY B 355 19.01 -19.38 4.14
C GLY B 355 17.64 -19.56 4.76
N LEU B 356 16.84 -20.39 4.12
CA LEU B 356 15.47 -20.70 4.58
C LEU B 356 15.39 -22.16 5.04
N ASN B 357 14.41 -22.46 5.90
CA ASN B 357 14.26 -23.84 6.35
C ASN B 357 13.95 -24.80 5.20
N ALA B 358 14.61 -25.95 5.21
CA ALA B 358 14.41 -27.03 4.24
C ALA B 358 14.00 -28.24 5.11
N SER B 359 13.64 -29.36 4.50
CA SER B 359 13.23 -30.53 5.30
C SER B 359 14.29 -30.83 6.35
N LYS B 360 15.53 -30.78 5.90
CA LYS B 360 16.69 -30.98 6.75
C LYS B 360 17.58 -29.76 6.47
N GLY B 361 18.01 -29.11 7.53
CA GLY B 361 18.87 -27.96 7.42
C GLY B 361 18.20 -26.78 6.75
N LYS B 362 18.96 -26.05 5.97
CA LYS B 362 18.44 -24.88 5.28
C LYS B 362 18.76 -24.90 3.81
N LYS B 363 18.08 -24.04 3.07
CA LYS B 363 18.35 -23.93 1.64
C LYS B 363 18.76 -22.50 1.34
N THR B 364 19.81 -22.35 0.55
CA THR B 364 20.28 -21.03 0.17
C THR B 364 20.30 -20.86 -1.35
N ALA B 365 20.29 -21.95 -2.12
CA ALA B 365 20.32 -21.77 -3.57
C ALA B 365 18.98 -21.23 -4.07
N ILE B 366 19.02 -20.07 -4.69
CA ILE B 366 17.83 -19.41 -5.21
C ILE B 366 17.01 -20.32 -6.13
N ASP B 367 17.71 -21.03 -6.99
CA ASP B 367 17.03 -21.89 -7.96
C ASP B 367 16.31 -23.07 -7.30
N LYS B 368 16.72 -23.41 -6.09
CA LYS B 368 16.11 -24.51 -5.37
C LYS B 368 15.07 -24.05 -4.37
N ILE B 369 14.85 -22.74 -4.27
CA ILE B 369 13.91 -22.22 -3.30
C ILE B 369 12.52 -22.00 -3.87
N TYR B 370 11.52 -22.42 -3.10
CA TYR B 370 10.11 -22.28 -3.49
C TYR B 370 9.30 -21.70 -2.32
N PRO B 371 8.06 -21.27 -2.58
CA PRO B 371 7.22 -20.71 -1.51
C PRO B 371 7.15 -21.61 -0.27
N ARG B 372 7.19 -22.92 -0.48
CA ARG B 372 7.12 -23.85 0.65
C ARG B 372 8.24 -23.59 1.67
N HIS B 373 9.41 -23.16 1.22
CA HIS B 373 10.51 -22.90 2.14
C HIS B 373 10.24 -21.66 2.96
N PHE B 374 9.56 -20.68 2.37
CA PHE B 374 9.23 -19.48 3.12
C PHE B 374 8.17 -19.79 4.16
N LEU B 375 7.19 -20.63 3.77
CA LEU B 375 6.12 -21.00 4.70
C LEU B 375 6.68 -21.83 5.84
N ALA B 376 7.63 -22.71 5.55
CA ALA B 376 8.24 -23.54 6.60
C ALA B 376 9.06 -22.69 7.58
N THR B 377 9.72 -21.66 7.05
CA THR B 377 10.52 -20.77 7.89
C THR B 377 9.59 -19.93 8.75
N ALA B 378 8.54 -19.41 8.15
CA ALA B 378 7.59 -18.62 8.90
C ALA B 378 7.03 -19.44 10.07
N LYS B 379 6.75 -20.71 9.82
CA LYS B 379 6.15 -21.55 10.86
C LYS B 379 7.05 -21.71 12.08
N VAL B 380 8.32 -22.04 11.86
CA VAL B 380 9.22 -22.21 12.99
C VAL B 380 9.55 -20.91 13.69
N LEU B 381 9.47 -19.78 12.98
CA LEU B 381 9.79 -18.51 13.59
C LEU B 381 8.55 -17.82 14.15
N ARG B 382 7.43 -18.54 14.16
CA ARG B 382 6.18 -18.01 14.69
C ARG B 382 5.74 -16.70 14.03
N PHE B 383 5.88 -16.66 12.70
CA PHE B 383 5.43 -15.53 11.89
C PHE B 383 4.11 -16.09 11.32
N PRO B 384 2.98 -15.44 11.59
CA PRO B 384 1.65 -15.89 11.13
C PRO B 384 1.57 -16.41 9.70
N GLU B 385 1.10 -17.63 9.55
CA GLU B 385 0.97 -18.23 8.24
C GLU B 385 0.13 -17.35 7.33
N VAL B 386 -0.91 -16.72 7.87
CA VAL B 386 -1.77 -15.87 7.03
C VAL B 386 -1.00 -14.68 6.45
N GLN B 387 -0.02 -14.17 7.19
CA GLN B 387 0.76 -13.02 6.72
C GLN B 387 1.76 -13.48 5.68
N HIS B 389 1.33 -15.95 3.63
CA HIS B 389 0.53 -16.14 2.41
C HIS B 389 0.16 -14.81 1.74
N GLU B 390 -0.04 -13.78 2.54
CA GLU B 390 -0.40 -12.47 1.99
C GLU B 390 0.80 -11.93 1.22
N ILE B 391 1.97 -12.08 1.81
CA ILE B 391 3.19 -11.61 1.14
C ILE B 391 3.37 -12.31 -0.22
N LEU B 392 3.24 -13.63 -0.23
CA LEU B 392 3.43 -14.39 -1.47
C LEU B 392 2.39 -14.04 -2.51
N SER B 393 1.14 -13.95 -2.07
CA SER B 393 0.05 -13.60 -2.99
C SER B 393 0.19 -12.19 -3.52
N ASP B 394 0.71 -11.25 -2.72
CA ASP B 394 0.88 -9.89 -3.21
C ASP B 394 1.96 -9.86 -4.30
N PHE B 395 3.05 -10.60 -4.12
CA PHE B 395 4.08 -10.62 -5.16
C PHE B 395 3.54 -11.35 -6.39
N ALA B 396 2.74 -12.39 -6.16
CA ALA B 396 2.18 -13.14 -7.30
C ALA B 396 1.36 -12.20 -8.17
N ARG B 397 0.55 -11.33 -7.59
CA ARG B 397 -0.19 -10.50 -8.50
C ARG B 397 0.51 -9.21 -8.93
N ILE B 399 3.99 -8.52 -9.32
CA ILE B 399 5.25 -8.56 -10.08
C ILE B 399 5.24 -8.15 -11.56
N PRO B 400 4.39 -8.78 -12.38
CA PRO B 400 4.37 -8.43 -13.80
C PRO B 400 4.21 -6.93 -14.07
N ALA B 401 3.21 -6.30 -13.47
CA ALA B 401 3.00 -4.87 -13.68
C ALA B 401 4.14 -4.04 -13.08
N ALA B 402 4.68 -4.46 -11.95
CA ALA B 402 5.79 -3.72 -11.33
C ALA B 402 7.01 -3.68 -12.25
N LEU B 403 7.34 -4.81 -12.88
CA LEU B 403 8.48 -4.85 -13.78
C LEU B 403 8.25 -3.92 -14.95
N ASP B 404 7.02 -3.97 -15.49
CA ASP B 404 6.69 -3.13 -16.63
C ASP B 404 6.77 -1.65 -16.29
N ASN B 405 6.19 -1.29 -15.15
CA ASN B 405 6.18 0.10 -14.71
C ASN B 405 7.61 0.62 -14.51
N VAL B 406 8.46 -0.19 -13.91
CA VAL B 406 9.82 0.23 -13.70
C VAL B 406 10.55 0.37 -15.03
N LYS B 407 10.41 -0.62 -15.90
CA LYS B 407 11.10 -0.59 -17.18
C LYS B 407 10.75 0.66 -17.99
N THR B 408 9.48 1.04 -17.99
CA THR B 408 9.08 2.22 -18.77
C THR B 408 9.55 3.54 -18.16
N SER B 409 10.05 3.50 -16.93
CA SER B 409 10.51 4.72 -16.26
C SER B 409 12.02 4.88 -16.21
N LEU B 410 12.76 3.95 -16.81
CA LEU B 410 14.22 4.02 -16.83
C LEU B 410 14.70 5.03 -17.86
N PRO B 411 15.91 5.59 -17.66
CA PRO B 411 16.43 6.57 -18.62
C PRO B 411 16.70 5.88 -19.94
N THR B 412 16.77 6.66 -21.02
CA THR B 412 17.00 6.08 -22.34
C THR B 412 18.36 5.41 -22.54
N ASP B 413 19.33 5.74 -21.69
CA ASP B 413 20.65 5.15 -21.79
C ASP B 413 20.84 3.98 -20.82
N PHE B 414 19.78 3.55 -20.16
CA PHE B 414 19.91 2.45 -19.22
C PHE B 414 20.30 1.17 -19.96
N PRO B 415 21.32 0.45 -19.45
CA PRO B 415 21.79 -0.80 -20.10
C PRO B 415 20.71 -1.88 -20.23
N GLU B 416 20.34 -2.20 -21.47
CA GLU B 416 19.29 -3.21 -21.68
C GLU B 416 19.62 -4.61 -21.16
N ASN B 417 20.90 -5.01 -21.18
CA ASN B 417 21.26 -6.35 -20.70
C ASN B 417 20.86 -6.52 -19.24
N VAL B 418 20.96 -5.45 -18.46
CA VAL B 418 20.55 -5.51 -17.05
C VAL B 418 19.08 -5.83 -16.90
N VAL B 419 18.25 -5.09 -17.63
CA VAL B 419 16.81 -5.30 -17.60
C VAL B 419 16.44 -6.69 -18.10
N THR B 420 17.06 -7.08 -19.21
CA THR B 420 16.79 -8.39 -19.79
C THR B 420 17.07 -9.52 -18.82
N ALA B 421 18.26 -9.49 -18.22
CA ALA B 421 18.66 -10.51 -17.27
C ALA B 421 17.77 -10.54 -16.03
N VAL B 422 17.44 -9.37 -15.49
CA VAL B 422 16.58 -9.38 -14.29
C VAL B 422 15.15 -9.84 -14.62
N GLU B 423 14.54 -9.26 -15.64
CA GLU B 423 13.17 -9.63 -15.99
C GLU B 423 12.95 -11.11 -16.26
N SER B 424 13.82 -11.71 -17.05
CA SER B 424 13.66 -13.11 -17.37
C SER B 424 13.73 -13.96 -16.11
N ASN B 425 14.69 -13.65 -15.24
CA ASN B 425 14.82 -14.47 -14.04
C ASN B 425 13.75 -14.23 -12.99
N VAL B 426 13.34 -12.98 -12.83
CA VAL B 426 12.26 -12.65 -11.90
C VAL B 426 10.97 -13.35 -12.33
N LEU B 427 10.63 -13.26 -13.62
CA LEU B 427 9.40 -13.87 -14.09
C LEU B 427 9.43 -15.40 -13.98
N ARG B 428 10.62 -15.98 -14.12
CA ARG B 428 10.76 -17.41 -13.98
C ARG B 428 10.42 -17.79 -12.53
N LEU B 429 11.00 -17.09 -11.56
CA LEU B 429 10.74 -17.43 -10.18
C LEU B 429 9.30 -17.07 -9.77
N HIS B 430 8.79 -15.98 -10.33
CA HIS B 430 7.44 -15.53 -10.05
C HIS B 430 6.42 -16.63 -10.38
N GLY B 431 6.76 -17.48 -11.35
CA GLY B 431 5.85 -18.55 -11.72
C GLY B 431 5.64 -19.55 -10.60
N ARG B 432 6.57 -19.58 -9.65
CA ARG B 432 6.45 -20.50 -8.52
C ARG B 432 5.45 -20.01 -7.48
N LEU B 433 5.08 -18.74 -7.56
CA LEU B 433 4.15 -18.17 -6.59
C LEU B 433 2.71 -18.48 -6.97
N SER B 434 1.90 -18.78 -5.96
CA SER B 434 0.50 -19.12 -6.18
C SER B 434 -0.33 -17.84 -6.27
N ARG B 435 -1.01 -17.66 -7.41
CA ARG B 435 -1.81 -16.46 -7.65
C ARG B 435 -3.32 -16.73 -7.68
#